data_8KE0
#
_entry.id   8KE0
#
loop_
_entity.id
_entity.type
_entity.pdbx_description
1 polymer 'Histone H3.1'
2 polymer 'Histone H4'
3 polymer 'Histone H2A type 1-B/E'
4 polymer 'Histone H2B type 1-J'
5 polymer 'DNA (193-MER)'
6 polymer 'DNA (193-MER)'
7 polymer 'Histone H1.2'
#
loop_
_entity_poly.entity_id
_entity_poly.type
_entity_poly.pdbx_seq_one_letter_code
_entity_poly.pdbx_strand_id
1 'polypeptide(L)'
;GSHMARTKQTARKSTGGKAPRKQLATKAARKSAPATGGVKKPHRYRPGTVALREIRRYQKSTELLIRKLPFQRLVREIAQ
DFKTDLRFQSSAVMALQEACEAYLVGLFEDTNLCAIHAKRVTIMPKDIQLARRIRGERA
;
A,E
2 'polypeptide(L)'
;GSHMSGRGKGGKGLGKGGAKRHRKVLRDNIQGITKPAIRRLARRGGVKRISGLIYEETRGVLKVFLENVIRDAVTYTEHA
KRKTVTAMDVVYALKRQGRTLYGFGG
;
B,F
3 'polypeptide(L)'
;GSHMSGRGKQGGKARAKAKTRSSRAGLQFPVGRVHRLLRKGNYSERVGAGAPVYLAAVLEYLTAEILELAGNAARDNKKT
RIIPRHLQLAIRNDEELNKLLGRVTIAQGGVLPNIQAVLLPKKTESHHKAKGK
;
C,G
4 'polypeptide(L)'
;GSHMPEPAKSAPAPKKGSKKAVTKAQKKDGKKRKRSRKESYSIYVYKVLKQVHPDTGISSKAMGIMNSFVNDIFERIAGE
ASRLAHYNKRSTITSREIQTAVRLLLPGELAKHAVSEGTKAVTKYTSAK
;
D,H
5 'polydeoxyribonucleotide'
;(DA)(DT)(DC)(DA)(DC)(DG)(DT)(DA)(DA)(DT)(DA)(DT)(DT)(DG)(DG)(DC)(DC)(DA)(DG)(DC)
(DT)(DA)(DG)(DG)(DA)(DT)(DC)(DA)(DC)(DA)(DA)(DT)(DC)(DC)(DC)(DG)(DG)(DT)(DG)(DC)
(DC)(DG)(DA)(DG)(DG)(DC)(DC)(DG)(DC)(DT)(DC)(DA)(DA)(DT)(DT)(DG)(DG)(DT)(DC)(DG)
(DT)(DA)(DG)(DA)(DC)(DA)(DG)(DC)(DT)(DC)(DT)(DA)(DG)(DC)(DA)(DC)(DC)(DG)(DC)(DT)
(DT)(DA)(DA)(DA)(DC)(DG)(DC)(DA)(DC)(DG)(DT)(DA)(DC)(DG)(DG)(DA)(DA)(DT)(DC)(DC)
(DG)(DT)(DA)(DC)(DG)(DT)(DG)(DC)(DG)(DT)(DT)(DT)(DA)(DA)(DG)(DC)(DG)(DG)(DT)(DG)
(DC)(DT)(DA)(DG)(DA)(DG)(DC)(DT)(DG)(DT)(DC)(DT)(DA)(DC)(DG)(DA)(DC)(DC)(DA)(DA)
(DT)(DT)(DG)(DA)(DG)(DC)(DG)(DG)(DC)(DC)(DT)(DC)(DG)(DG)(DC)(DA)(DC)(DC)(DG)(DG)
(DG)(DA)(DT)(DT)(DG)(DT)(DG)(DA)(DT)(DC)(DC)(DT)(DA)(DG)(DC)(DT)(DG)(DG)(DC)(DC)
(DA)(DA)(DT)(DA)(DT)(DT)(DA)(DC)(DG)(DT)(DG)(DA)(DT)
;
I
6 'polydeoxyribonucleotide'
;(DA)(DT)(DC)(DA)(DC)(DG)(DT)(DA)(DA)(DT)(DA)(DT)(DT)(DG)(DG)(DC)(DC)(DA)(DG)(DC)
(DT)(DA)(DG)(DG)(DA)(DT)(DC)(DA)(DC)(DA)(DA)(DT)(DC)(DC)(DC)(DG)(DG)(DT)(DG)(DC)
(DC)(DG)(DA)(DG)(DG)(DC)(DC)(DG)(DC)(DT)(DC)(DA)(DA)(DT)(DT)(DG)(DG)(DT)(DC)(DG)
(DT)(DA)(DG)(DA)(DC)(DA)(DG)(DC)(DT)(DC)(DT)(DA)(DG)(DC)(DA)(DC)(DC)(DG)(DC)(DT)
(DT)(DA)(DA)(DA)(DC)(DG)(DC)(DA)(DC)(DG)(DT)(DA)(DC)(DG)(DG)(DA)(DT)(DT)(DC)(DC)
(DG)(DT)(DA)(DC)(DG)(DT)(DG)(DC)(DG)(DT)(DT)(DT)(DA)(DA)(DG)(DC)(DG)(DG)(DT)(DG)
(DC)(DT)(DA)(DG)(DA)(DG)(DC)(DT)(DG)(DT)(DC)(DT)(DA)(DC)(DG)(DA)(DC)(DC)(DA)(DA)
(DT)(DT)(DG)(DA)(DG)(DC)(DG)(DG)(DC)(DC)(DT)(DC)(DG)(DG)(DC)(DA)(DC)(DC)(DG)(DG)
(DG)(DA)(DT)(DT)(DG)(DT)(DG)(DA)(DT)(DC)(DC)(DT)(DA)(DG)(DC)(DT)(DG)(DG)(DC)(DC)
(DA)(DA)(DT)(DA)(DT)(DT)(DA)(DC)(DG)(DT)(DG)(DA)(DT)
;
J
7 'polypeptide(L)'
;MSETAPAAPAAAPPAEKAPVKKKAAKKAGGTPRKASGPPVSELITKAVAASKERSGVSLAALKKALAAAGYDVEKNNSRI
KLGLKSLVSKGTLVQTKGTGASGSFKLNKKAASGEAKPKVKKAGGTKPKKPVGAAKKPKKAAGGATPKKSAKKTPKKAKK
PAAATVTKKVAKSPKKAKVAKPKKAAKSAAKAVKPKAAKPKVVKPKKAAPKKKLEVLFQ
;
K
#
loop_
_chem_comp.id
_chem_comp.type
_chem_comp.name
_chem_comp.formula
DA DNA linking 2'-DEOXYADENOSINE-5'-MONOPHOSPHATE 'C10 H14 N5 O6 P'
DC DNA linking 2'-DEOXYCYTIDINE-5'-MONOPHOSPHATE 'C9 H14 N3 O7 P'
DG DNA linking 2'-DEOXYGUANOSINE-5'-MONOPHOSPHATE 'C10 H14 N5 O7 P'
DT DNA linking THYMIDINE-5'-MONOPHOSPHATE 'C10 H15 N2 O8 P'
#
# COMPACT_ATOMS: atom_id res chain seq x y z
N PRO A 42 15.77 19.56 -45.96
CA PRO A 42 15.37 19.84 -44.58
C PRO A 42 14.25 18.95 -44.11
N HIS A 43 14.45 18.23 -43.03
CA HIS A 43 13.41 17.36 -42.52
C HIS A 43 13.46 17.46 -41.01
N ARG A 44 12.29 17.55 -40.37
CA ARG A 44 12.24 17.66 -38.91
C ARG A 44 10.89 17.16 -38.45
N TYR A 45 10.85 16.07 -37.71
CA TYR A 45 9.61 15.54 -37.16
C TYR A 45 9.04 16.51 -36.15
N ARG A 46 7.75 16.81 -36.24
CA ARG A 46 7.11 17.74 -35.32
C ARG A 46 7.17 17.17 -33.91
N PRO A 47 7.33 18.03 -32.90
CA PRO A 47 7.49 17.53 -31.54
C PRO A 47 6.33 16.66 -31.11
N GLY A 48 6.64 15.57 -30.45
CA GLY A 48 5.68 14.61 -29.98
C GLY A 48 5.54 13.35 -30.83
N THR A 49 5.99 13.37 -32.08
CA THR A 49 5.82 12.18 -32.89
C THR A 49 6.87 11.12 -32.57
N VAL A 50 8.15 11.50 -32.67
CA VAL A 50 9.20 10.56 -32.35
C VAL A 50 9.07 10.12 -30.91
N ALA A 51 8.51 10.98 -30.06
CA ALA A 51 8.32 10.58 -28.68
C ALA A 51 7.35 9.42 -28.60
N LEU A 52 6.23 9.48 -29.33
CA LEU A 52 5.28 8.40 -29.38
C LEU A 52 5.92 7.13 -29.96
N ARG A 53 6.78 7.24 -30.98
CA ARG A 53 7.44 6.05 -31.52
C ARG A 53 8.32 5.43 -30.47
N GLU A 54 9.12 6.21 -29.77
CA GLU A 54 9.98 5.66 -28.75
C GLU A 54 9.18 5.13 -27.58
N ILE A 55 7.95 5.62 -27.38
CA ILE A 55 7.10 5.03 -26.36
C ILE A 55 6.73 3.63 -26.77
N ARG A 56 6.21 3.49 -27.98
CA ARG A 56 5.87 2.17 -28.49
C ARG A 56 7.08 1.25 -28.38
N ARG A 57 8.25 1.77 -28.69
CA ARG A 57 9.48 0.99 -28.64
C ARG A 57 9.78 0.52 -27.22
N TYR A 58 9.98 1.46 -26.31
CA TYR A 58 10.37 1.08 -24.96
C TYR A 58 9.27 0.35 -24.22
N GLN A 59 8.07 0.30 -24.75
CA GLN A 59 7.10 -0.57 -24.15
C GLN A 59 7.14 -1.95 -24.77
N LYS A 60 7.44 -2.05 -26.06
CA LYS A 60 7.66 -3.35 -26.66
C LYS A 60 8.88 -4.04 -26.05
N SER A 61 9.81 -3.28 -25.50
CA SER A 61 11.10 -3.82 -25.09
C SER A 61 11.18 -4.14 -23.60
N THR A 62 12.21 -4.90 -23.24
CA THR A 62 12.43 -5.34 -21.88
C THR A 62 13.82 -5.03 -21.33
N GLU A 63 14.80 -4.67 -22.17
CA GLU A 63 16.14 -4.32 -21.72
C GLU A 63 16.10 -3.40 -20.51
N LEU A 64 17.04 -3.61 -19.61
CA LEU A 64 17.18 -2.70 -18.48
C LEU A 64 17.55 -1.33 -19.02
N LEU A 65 16.97 -0.27 -18.46
CA LEU A 65 17.14 1.07 -19.01
C LEU A 65 18.16 1.90 -18.26
N ILE A 66 18.44 1.59 -16.99
CA ILE A 66 19.50 2.28 -16.28
C ILE A 66 20.85 1.70 -16.68
N ARG A 67 21.82 2.57 -16.98
CA ARG A 67 23.17 2.10 -17.29
C ARG A 67 23.72 1.34 -16.08
N LYS A 68 24.36 0.22 -16.33
CA LYS A 68 24.67 -0.74 -15.28
C LYS A 68 25.74 -0.22 -14.33
N LEU A 69 26.86 0.27 -14.86
CA LEU A 69 27.93 0.72 -13.97
C LEU A 69 27.56 1.92 -13.12
N PRO A 70 26.91 2.96 -13.63
CA PRO A 70 26.51 4.05 -12.73
C PRO A 70 25.57 3.57 -11.65
N PHE A 71 24.64 2.69 -11.98
CA PHE A 71 23.74 2.20 -10.97
C PHE A 71 24.44 1.35 -9.93
N GLN A 72 25.44 0.59 -10.33
CA GLN A 72 26.17 -0.21 -9.35
C GLN A 72 26.97 0.68 -8.43
N ARG A 73 27.67 1.66 -8.99
CA ARG A 73 28.42 2.60 -8.18
C ARG A 73 27.50 3.36 -7.23
N LEU A 74 26.31 3.72 -7.70
CA LEU A 74 25.36 4.43 -6.84
C LEU A 74 24.92 3.54 -5.69
N VAL A 75 24.63 2.28 -5.99
CA VAL A 75 24.24 1.34 -4.95
C VAL A 75 25.33 1.29 -3.91
N ARG A 76 26.57 1.18 -4.36
CA ARG A 76 27.67 1.16 -3.40
C ARG A 76 27.69 2.43 -2.57
N GLU A 77 27.41 3.59 -3.16
CA GLU A 77 27.29 4.88 -2.47
C GLU A 77 26.30 4.74 -1.30
N ILE A 78 25.12 4.20 -1.60
CA ILE A 78 24.07 4.10 -0.59
C ILE A 78 24.49 3.11 0.49
N ALA A 79 25.00 1.96 0.09
CA ALA A 79 25.34 0.95 1.10
C ALA A 79 26.47 1.44 1.99
N GLN A 80 27.41 2.19 1.42
CA GLN A 80 28.55 2.70 2.16
C GLN A 80 28.13 3.49 3.38
N ASP A 81 26.96 4.13 3.32
CA ASP A 81 26.51 4.93 4.44
C ASP A 81 26.13 4.06 5.63
N PHE A 82 25.55 2.90 5.35
CA PHE A 82 25.12 2.01 6.43
C PHE A 82 26.26 1.18 7.00
N LYS A 83 27.18 0.76 6.14
CA LYS A 83 28.33 0.01 6.58
C LYS A 83 29.37 0.06 5.48
N THR A 84 30.62 -0.01 5.89
CA THR A 84 31.74 0.10 4.98
C THR A 84 32.21 -1.30 4.62
N ASP A 85 32.99 -1.38 3.55
CA ASP A 85 33.55 -2.64 3.07
C ASP A 85 32.48 -3.70 2.83
N LEU A 86 31.35 -3.34 2.20
CA LEU A 86 30.30 -4.30 1.86
C LEU A 86 30.47 -4.77 0.42
N ARG A 87 30.35 -6.09 0.20
CA ARG A 87 30.50 -6.72 -1.10
C ARG A 87 29.13 -7.15 -1.61
N PHE A 88 28.90 -6.97 -2.90
CA PHE A 88 27.64 -7.26 -3.56
C PHE A 88 27.83 -8.35 -4.60
N GLN A 89 27.07 -9.43 -4.52
CA GLN A 89 26.99 -10.30 -5.68
C GLN A 89 26.36 -9.54 -6.84
N SER A 90 26.75 -9.91 -8.05
CA SER A 90 26.19 -9.28 -9.24
C SER A 90 24.69 -9.49 -9.33
N SER A 91 24.20 -10.68 -8.99
CA SER A 91 22.77 -10.87 -9.03
C SER A 91 22.05 -9.92 -8.10
N ALA A 92 22.66 -9.59 -6.96
CA ALA A 92 21.99 -8.68 -6.04
C ALA A 92 21.87 -7.28 -6.62
N VAL A 93 22.94 -6.76 -7.22
CA VAL A 93 22.87 -5.44 -7.82
C VAL A 93 21.86 -5.46 -8.97
N MET A 94 21.86 -6.53 -9.75
CA MET A 94 20.91 -6.62 -10.85
C MET A 94 19.50 -6.60 -10.31
N ALA A 95 19.29 -7.20 -9.14
CA ALA A 95 17.97 -7.20 -8.53
C ALA A 95 17.58 -5.78 -8.14
N LEU A 96 18.48 -5.06 -7.48
CA LEU A 96 18.16 -3.68 -7.15
C LEU A 96 17.79 -2.89 -8.40
N GLN A 97 18.49 -3.13 -9.50
CA GLN A 97 18.20 -2.35 -10.70
C GLN A 97 16.84 -2.70 -11.27
N GLU A 98 16.54 -4.00 -11.30
CA GLU A 98 15.24 -4.45 -11.88
C GLU A 98 14.11 -3.89 -11.03
N ALA A 99 14.29 -3.87 -9.71
CA ALA A 99 13.26 -3.39 -8.82
C ALA A 99 13.10 -1.90 -8.97
N CYS A 100 14.19 -1.15 -9.01
CA CYS A 100 14.12 0.30 -9.19
C CYS A 100 13.41 0.65 -10.48
N GLU A 101 13.74 -0.03 -11.56
CA GLU A 101 13.05 0.26 -12.80
C GLU A 101 11.55 -0.01 -12.63
N ALA A 102 11.12 -1.12 -12.02
CA ALA A 102 9.69 -1.37 -11.88
C ALA A 102 9.04 -0.31 -11.01
N TYR A 103 9.70 0.08 -9.92
CA TYR A 103 9.12 1.09 -9.05
C TYR A 103 8.95 2.42 -9.76
N LEU A 104 10.01 2.91 -10.42
CA LEU A 104 9.85 4.19 -11.10
C LEU A 104 8.86 4.11 -12.24
N VAL A 105 8.76 2.99 -12.92
CA VAL A 105 7.81 2.91 -14.02
C VAL A 105 6.40 3.01 -13.48
N GLY A 106 6.09 2.26 -12.42
CA GLY A 106 4.76 2.38 -11.84
C GLY A 106 4.50 3.78 -11.33
N LEU A 107 5.50 4.41 -10.72
CA LEU A 107 5.34 5.78 -10.26
C LEU A 107 5.03 6.70 -11.44
N PHE A 108 5.68 6.50 -12.58
CA PHE A 108 5.42 7.35 -13.72
C PHE A 108 4.05 7.06 -14.31
N GLU A 109 3.59 5.81 -14.22
CA GLU A 109 2.21 5.54 -14.61
C GLU A 109 1.25 6.39 -13.81
N ASP A 110 1.35 6.31 -12.50
CA ASP A 110 0.46 7.11 -11.65
C ASP A 110 0.66 8.61 -11.89
N THR A 111 1.89 9.03 -12.14
CA THR A 111 2.16 10.43 -12.34
C THR A 111 1.55 10.94 -13.63
N ASN A 112 1.69 10.16 -14.70
CA ASN A 112 1.09 10.52 -15.96
C ASN A 112 -0.42 10.61 -15.81
N LEU A 113 -1.03 9.72 -15.01
CA LEU A 113 -2.47 9.82 -14.78
C LEU A 113 -2.81 11.11 -14.05
N CYS A 114 -2.01 11.48 -13.07
CA CYS A 114 -2.23 12.75 -12.39
C CYS A 114 -2.11 13.93 -13.34
N ALA A 115 -1.10 13.91 -14.20
CA ALA A 115 -0.90 15.01 -15.14
C ALA A 115 -2.06 15.12 -16.11
N ILE A 116 -2.48 13.99 -16.71
CA ILE A 116 -3.61 13.96 -17.63
C ILE A 116 -4.85 14.45 -16.91
N HIS A 117 -5.03 14.12 -15.65
CA HIS A 117 -6.19 14.59 -14.93
C HIS A 117 -6.20 16.10 -14.84
N ALA A 118 -5.04 16.70 -14.63
CA ALA A 118 -4.93 18.15 -14.66
C ALA A 118 -5.30 18.72 -16.01
N LYS A 119 -5.46 17.89 -17.04
CA LYS A 119 -5.54 18.33 -18.42
C LYS A 119 -4.25 19.02 -18.86
N ARG A 120 -3.12 18.45 -18.43
CA ARG A 120 -1.79 18.95 -18.77
C ARG A 120 -0.99 17.78 -19.29
N VAL A 121 -0.56 17.84 -20.55
CA VAL A 121 0.25 16.79 -21.10
C VAL A 121 1.63 16.71 -20.44
N THR A 122 2.17 17.84 -19.99
CA THR A 122 3.47 17.85 -19.32
C THR A 122 3.34 17.39 -17.87
N ILE A 123 4.28 16.57 -17.43
CA ILE A 123 4.41 16.22 -16.02
C ILE A 123 5.35 17.21 -15.35
N MET A 124 5.08 17.56 -14.10
CA MET A 124 5.92 18.46 -13.34
C MET A 124 6.09 17.85 -11.97
N PRO A 125 7.07 18.32 -11.18
CA PRO A 125 7.31 17.71 -9.88
C PRO A 125 6.12 17.66 -8.97
N LYS A 126 5.22 18.65 -9.04
CA LYS A 126 4.03 18.63 -8.20
C LYS A 126 3.26 17.35 -8.44
N ASP A 127 3.30 16.84 -9.66
CA ASP A 127 2.63 15.60 -9.96
C ASP A 127 3.29 14.47 -9.19
N ILE A 128 4.63 14.47 -9.13
CA ILE A 128 5.31 13.42 -8.39
C ILE A 128 4.98 13.50 -6.90
N GLN A 129 5.04 14.69 -6.30
CA GLN A 129 4.72 14.69 -4.87
C GLN A 129 3.29 14.23 -4.63
N LEU A 130 2.37 14.53 -5.54
CA LEU A 130 1.02 14.04 -5.33
C LEU A 130 0.92 12.54 -5.51
N ALA A 131 1.47 12.01 -6.60
CA ALA A 131 1.39 10.58 -6.80
C ALA A 131 1.97 9.83 -5.62
N ARG A 132 3.08 10.32 -5.08
CA ARG A 132 3.68 9.62 -3.96
C ARG A 132 2.84 9.78 -2.71
N ARG A 133 2.37 11.00 -2.43
CA ARG A 133 1.56 11.18 -1.23
C ARG A 133 0.33 10.29 -1.26
N ILE A 134 -0.27 10.11 -2.43
CA ILE A 134 -1.44 9.23 -2.51
C ILE A 134 -1.06 7.76 -2.44
N ARG A 135 0.10 7.34 -2.96
CA ARG A 135 0.57 5.96 -2.79
C ARG A 135 0.74 5.61 -1.32
N GLY A 136 0.71 6.60 -0.45
CA GLY A 136 0.87 6.48 0.98
C GLY A 136 2.29 6.61 1.48
N GLU A 137 3.27 6.67 0.59
CA GLU A 137 4.64 6.85 1.04
C GLU A 137 4.80 8.29 1.51
N ARG A 138 5.62 8.51 2.52
CA ARG A 138 5.82 9.88 2.98
C ARG A 138 6.42 10.72 1.86
N ALA A 139 5.85 11.90 1.65
CA ALA A 139 6.31 12.80 0.62
C ALA A 139 5.96 14.24 0.98
N HIS B 22 41.65 -0.02 -2.23
CA HIS B 22 40.71 -1.13 -2.04
C HIS B 22 39.27 -0.62 -1.89
N ARG B 23 39.02 0.28 -0.94
CA ARG B 23 37.68 0.81 -0.73
C ARG B 23 37.62 2.23 -1.28
N LYS B 24 37.20 2.34 -2.54
CA LYS B 24 37.01 3.63 -3.17
C LYS B 24 35.96 4.47 -2.44
N VAL B 25 36.15 5.79 -2.47
CA VAL B 25 35.15 6.74 -1.98
C VAL B 25 34.31 7.15 -3.20
N LEU B 26 33.13 6.54 -3.35
CA LEU B 26 32.33 6.67 -4.56
C LEU B 26 31.28 7.78 -4.46
N ARG B 27 31.67 8.96 -3.99
CA ARG B 27 30.69 10.01 -3.75
C ARG B 27 30.20 10.68 -5.04
N ASP B 28 29.22 11.57 -4.88
CA ASP B 28 28.66 12.42 -5.94
C ASP B 28 28.06 11.63 -7.09
N ASN B 29 27.71 10.37 -6.87
CA ASN B 29 27.35 9.52 -8.00
C ASN B 29 25.89 9.65 -8.41
N ILE B 30 25.02 10.25 -7.60
CA ILE B 30 23.60 10.25 -7.93
C ILE B 30 23.36 10.84 -9.30
N GLN B 31 24.20 11.78 -9.72
CA GLN B 31 24.06 12.37 -11.03
C GLN B 31 24.35 11.39 -12.15
N GLY B 32 24.91 10.22 -11.83
CA GLY B 32 25.08 9.16 -12.81
C GLY B 32 23.79 8.58 -13.35
N ILE B 33 22.66 8.86 -12.71
CA ILE B 33 21.35 8.52 -13.29
C ILE B 33 21.01 9.69 -14.20
N THR B 34 21.41 9.57 -15.46
CA THR B 34 21.47 10.75 -16.29
C THR B 34 20.09 11.09 -16.83
N LYS B 35 19.92 12.33 -17.27
CA LYS B 35 18.71 12.83 -17.90
C LYS B 35 18.13 11.85 -18.93
N PRO B 36 18.87 11.34 -19.91
CA PRO B 36 18.22 10.44 -20.88
C PRO B 36 17.78 9.14 -20.27
N ALA B 37 18.48 8.64 -19.26
CA ALA B 37 18.02 7.42 -18.59
C ALA B 37 16.67 7.64 -17.96
N ILE B 38 16.50 8.76 -17.28
CA ILE B 38 15.18 9.09 -16.74
C ILE B 38 14.18 9.24 -17.86
N ARG B 39 14.57 9.87 -18.99
CA ARG B 39 13.67 9.97 -20.15
C ARG B 39 13.20 8.59 -20.51
N ARG B 40 14.10 7.66 -20.81
CA ARG B 40 13.65 6.35 -21.27
C ARG B 40 12.85 5.60 -20.22
N LEU B 41 13.15 5.69 -18.92
CA LEU B 41 12.26 5.04 -17.96
C LEU B 41 10.88 5.64 -17.99
N ALA B 42 10.82 6.97 -17.90
CA ALA B 42 9.55 7.66 -17.96
C ALA B 42 8.78 7.23 -19.20
N ARG B 43 9.44 7.28 -20.36
CA ARG B 43 8.81 6.84 -21.59
C ARG B 43 8.26 5.44 -21.45
N ARG B 44 9.00 4.55 -20.81
CA ARG B 44 8.43 3.23 -20.57
C ARG B 44 7.19 3.38 -19.71
N GLY B 45 7.04 4.50 -19.06
CA GLY B 45 5.82 4.65 -18.31
C GLY B 45 4.73 5.33 -19.08
N GLY B 46 4.98 5.73 -20.32
CA GLY B 46 3.95 6.35 -21.13
C GLY B 46 3.91 7.86 -21.16
N VAL B 47 4.77 8.55 -20.42
CA VAL B 47 4.71 10.01 -20.46
C VAL B 47 5.36 10.52 -21.73
N LYS B 48 4.82 11.59 -22.32
CA LYS B 48 5.19 12.18 -23.59
C LYS B 48 6.04 13.41 -23.39
N ARG B 49 5.69 14.28 -22.44
CA ARG B 49 6.42 15.52 -22.28
C ARG B 49 6.71 15.72 -20.80
N ILE B 50 7.95 16.12 -20.53
CA ILE B 50 8.51 16.10 -19.18
C ILE B 50 9.16 17.45 -18.92
N SER B 51 8.84 18.05 -17.79
CA SER B 51 9.45 19.31 -17.40
C SER B 51 10.82 19.08 -16.79
N GLY B 52 11.73 20.01 -17.10
CA GLY B 52 13.13 19.85 -16.77
C GLY B 52 13.41 19.70 -15.29
N LEU B 53 12.44 19.96 -14.45
CA LEU B 53 12.63 19.81 -13.02
C LEU B 53 12.35 18.39 -12.53
N ILE B 54 11.66 17.59 -13.34
CA ILE B 54 11.40 16.20 -12.99
C ILE B 54 12.67 15.45 -12.62
N TYR B 55 13.79 15.81 -13.24
CA TYR B 55 15.01 15.03 -13.07
C TYR B 55 15.51 15.06 -11.64
N GLU B 56 15.56 16.24 -11.03
CA GLU B 56 16.03 16.29 -9.67
C GLU B 56 15.05 15.62 -8.71
N GLU B 57 13.76 15.82 -8.94
CA GLU B 57 12.76 15.18 -8.11
C GLU B 57 12.93 13.68 -8.17
N THR B 58 13.10 13.12 -9.37
CA THR B 58 13.20 11.68 -9.50
C THR B 58 14.49 11.16 -8.89
N ARG B 59 15.59 11.90 -9.04
CA ARG B 59 16.81 11.47 -8.37
C ARG B 59 16.60 11.41 -6.87
N GLY B 60 15.89 12.37 -6.31
CA GLY B 60 15.62 12.33 -4.88
C GLY B 60 14.76 11.15 -4.50
N VAL B 61 13.69 10.93 -5.28
CA VAL B 61 12.84 9.76 -5.07
C VAL B 61 13.66 8.49 -5.09
N LEU B 62 14.56 8.37 -6.08
CA LEU B 62 15.35 7.17 -6.23
C LEU B 62 16.27 7.01 -5.03
N LYS B 63 16.91 8.08 -4.53
CA LYS B 63 17.77 7.92 -3.37
C LYS B 63 16.96 7.47 -2.18
N VAL B 64 15.73 7.95 -2.03
CA VAL B 64 14.91 7.51 -0.92
C VAL B 64 14.59 6.03 -1.05
N PHE B 65 14.06 5.63 -2.20
CA PHE B 65 13.73 4.22 -2.41
C PHE B 65 14.93 3.33 -2.11
N LEU B 66 16.09 3.65 -2.69
CA LEU B 66 17.30 2.89 -2.48
C LEU B 66 17.68 2.87 -1.02
N GLU B 67 17.65 4.00 -0.32
CA GLU B 67 17.98 4.03 1.09
C GLU B 67 17.17 3.01 1.84
N ASN B 68 15.86 3.00 1.62
CA ASN B 68 15.02 2.06 2.36
C ASN B 68 15.35 0.62 2.01
N VAL B 69 15.48 0.33 0.72
CA VAL B 69 15.75 -1.05 0.31
C VAL B 69 17.11 -1.52 0.80
N ILE B 70 18.12 -0.67 0.70
CA ILE B 70 19.45 -1.11 1.05
C ILE B 70 19.59 -1.22 2.55
N ARG B 71 18.92 -0.36 3.30
CA ARG B 71 18.89 -0.54 4.74
C ARG B 71 18.32 -1.91 5.09
N ASP B 72 17.18 -2.26 4.51
CA ASP B 72 16.59 -3.54 4.85
C ASP B 72 17.47 -4.70 4.41
N ALA B 73 18.13 -4.55 3.27
CA ALA B 73 18.96 -5.63 2.76
C ALA B 73 20.21 -5.82 3.60
N VAL B 74 20.92 -4.72 3.89
CA VAL B 74 22.09 -4.83 4.74
C VAL B 74 21.72 -5.36 6.10
N THR B 75 20.52 -5.06 6.59
CA THR B 75 20.09 -5.65 7.85
C THR B 75 19.97 -7.16 7.73
N TYR B 76 19.20 -7.63 6.74
CA TYR B 76 19.09 -9.07 6.53
C TYR B 76 20.45 -9.71 6.38
N THR B 77 21.41 -8.95 5.86
CA THR B 77 22.74 -9.49 5.68
C THR B 77 23.45 -9.62 7.01
N GLU B 78 23.60 -8.51 7.72
CA GLU B 78 24.21 -8.48 9.03
C GLU B 78 23.73 -9.60 9.91
N HIS B 79 22.42 -9.85 9.92
CA HIS B 79 21.88 -10.93 10.72
C HIS B 79 22.59 -12.24 10.41
N ALA B 80 22.84 -12.51 9.13
CA ALA B 80 23.51 -13.74 8.74
C ALA B 80 24.98 -13.77 9.08
N LYS B 81 25.55 -12.67 9.57
CA LYS B 81 26.97 -12.53 9.89
C LYS B 81 27.77 -12.46 8.61
N ARG B 82 27.12 -12.50 7.45
CA ARG B 82 27.80 -12.41 6.19
C ARG B 82 28.24 -10.97 5.93
N LYS B 83 29.26 -10.82 5.09
CA LYS B 83 29.69 -9.50 4.69
C LYS B 83 29.37 -9.25 3.23
N THR B 84 28.62 -10.14 2.61
CA THR B 84 28.21 -10.00 1.22
C THR B 84 26.69 -10.02 1.20
N VAL B 85 26.08 -9.06 0.53
CA VAL B 85 24.64 -9.01 0.39
C VAL B 85 24.23 -9.84 -0.82
N THR B 86 23.58 -10.98 -0.62
CA THR B 86 23.16 -11.84 -1.72
C THR B 86 21.79 -11.43 -2.22
N ALA B 87 21.42 -11.89 -3.39
CA ALA B 87 20.16 -11.50 -4.02
C ALA B 87 18.98 -11.95 -3.18
N MET B 88 19.11 -13.07 -2.50
CA MET B 88 18.07 -13.52 -1.59
C MET B 88 17.77 -12.44 -0.55
N ASP B 89 18.80 -11.74 -0.08
CA ASP B 89 18.65 -10.65 0.88
C ASP B 89 17.85 -9.51 0.24
N VAL B 90 18.14 -9.14 -1.02
CA VAL B 90 17.43 -8.07 -1.67
C VAL B 90 15.97 -8.42 -1.88
N VAL B 91 15.70 -9.63 -2.37
CA VAL B 91 14.29 -10.01 -2.60
C VAL B 91 13.55 -10.10 -1.28
N TYR B 92 14.16 -10.60 -0.21
CA TYR B 92 13.51 -10.52 1.10
C TYR B 92 13.26 -9.08 1.52
N ALA B 93 14.18 -8.15 1.27
CA ALA B 93 13.95 -6.77 1.67
C ALA B 93 12.76 -6.18 0.93
N LEU B 94 12.69 -6.41 -0.38
CA LEU B 94 11.57 -5.89 -1.12
C LEU B 94 10.26 -6.51 -0.67
N LYS B 95 10.25 -7.84 -0.56
CA LYS B 95 9.12 -8.63 -0.07
C LYS B 95 8.65 -8.13 1.27
N ARG B 96 9.57 -7.77 2.17
CA ARG B 96 9.29 -7.09 3.44
C ARG B 96 8.65 -5.72 3.21
N GLN B 97 9.00 -4.99 2.15
CA GLN B 97 8.34 -3.72 1.87
C GLN B 97 7.12 -3.94 1.03
N GLY B 98 6.69 -5.20 0.94
CA GLY B 98 5.49 -5.51 0.22
C GLY B 98 5.62 -5.29 -1.27
N ARG B 99 6.84 -5.40 -1.79
CA ARG B 99 7.14 -5.23 -3.21
C ARG B 99 7.88 -6.46 -3.74
N THR B 100 7.24 -7.61 -3.54
CA THR B 100 7.88 -8.88 -3.87
C THR B 100 8.28 -8.95 -5.33
N LEU B 101 9.45 -9.54 -5.57
CA LEU B 101 10.04 -9.62 -6.89
C LEU B 101 10.30 -11.08 -7.22
N TYR B 102 9.68 -11.61 -8.27
CA TYR B 102 9.89 -12.98 -8.73
C TYR B 102 11.02 -13.03 -9.74
N GLY B 103 11.81 -14.11 -9.82
CA GLY B 103 12.78 -14.42 -10.84
C GLY B 103 14.19 -14.51 -10.37
N PHE B 104 14.44 -14.16 -9.11
CA PHE B 104 15.80 -14.11 -8.58
C PHE B 104 15.94 -15.04 -7.39
N GLY B 105 15.13 -16.08 -7.35
CA GLY B 105 15.25 -17.09 -6.32
C GLY B 105 14.28 -16.95 -5.18
N GLY B 106 13.27 -16.10 -5.30
CA GLY B 106 12.26 -15.90 -4.27
C GLY B 106 11.67 -17.15 -3.64
N ALA C 14 15.08 -24.31 50.89
CA ALA C 14 15.63 -25.03 49.74
C ALA C 14 15.16 -24.41 48.44
N ARG C 15 14.17 -23.52 48.54
CA ARG C 15 13.63 -22.79 47.41
C ARG C 15 13.93 -21.31 47.56
N ALA C 16 14.51 -20.71 46.53
CA ALA C 16 14.85 -19.29 46.56
C ALA C 16 13.59 -18.43 46.52
N LYS C 17 13.73 -17.22 47.08
CA LYS C 17 12.60 -16.26 47.11
C LYS C 17 12.22 -15.94 45.67
N ALA C 18 10.93 -15.91 45.38
CA ALA C 18 10.45 -15.69 44.02
C ALA C 18 10.96 -14.36 43.46
N LYS C 19 11.58 -14.36 42.28
CA LYS C 19 12.00 -13.13 41.60
C LYS C 19 11.52 -13.19 40.17
N THR C 20 10.49 -12.40 39.84
CA THR C 20 9.93 -12.42 38.49
C THR C 20 11.00 -12.03 37.49
N ARG C 21 10.96 -12.67 36.32
CA ARG C 21 11.90 -12.31 35.28
C ARG C 21 11.85 -10.83 34.94
N SER C 22 10.65 -10.23 34.99
CA SER C 22 10.56 -8.81 34.69
C SER C 22 11.25 -7.97 35.75
N SER C 23 11.16 -8.39 37.00
CA SER C 23 11.94 -7.72 38.05
C SER C 23 13.42 -8.01 37.91
N ARG C 24 13.80 -9.20 37.44
CA ARG C 24 15.20 -9.53 37.12
C ARG C 24 15.69 -8.70 35.94
N ALA C 25 14.79 -8.06 35.18
CA ALA C 25 15.18 -7.23 34.07
C ALA C 25 14.90 -5.77 34.35
N GLY C 26 14.17 -5.48 35.41
CA GLY C 26 13.85 -4.12 35.77
C GLY C 26 12.82 -3.56 34.83
N LEU C 27 11.76 -4.33 34.61
CA LEU C 27 10.71 -3.94 33.69
C LEU C 27 9.36 -4.11 34.37
N GLN C 28 8.34 -3.53 33.75
CA GLN C 28 6.93 -3.72 34.12
C GLN C 28 6.20 -4.69 33.21
N PHE C 29 6.59 -4.79 31.95
CA PHE C 29 5.95 -5.72 31.03
C PHE C 29 6.20 -7.16 31.47
N PRO C 30 5.28 -8.10 31.18
CA PRO C 30 5.45 -9.47 31.64
C PRO C 30 6.38 -10.28 30.76
N VAL C 31 7.43 -10.81 31.35
CA VAL C 31 8.32 -11.64 30.56
C VAL C 31 7.74 -13.02 30.40
N GLY C 32 7.10 -13.55 31.44
CA GLY C 32 6.54 -14.87 31.31
C GLY C 32 5.43 -14.93 30.28
N ARG C 33 4.55 -13.93 30.26
CA ARG C 33 3.47 -13.93 29.29
C ARG C 33 3.98 -13.83 27.86
N VAL C 34 5.01 -13.02 27.62
CA VAL C 34 5.53 -12.88 26.27
C VAL C 34 6.25 -14.14 25.84
N HIS C 35 7.01 -14.74 26.77
CA HIS C 35 7.64 -16.03 26.58
C HIS C 35 6.58 -17.03 26.15
N ARG C 36 5.50 -17.07 26.93
CA ARG C 36 4.41 -18.02 26.61
C ARG C 36 3.95 -17.75 25.18
N LEU C 37 3.72 -16.50 24.82
CA LEU C 37 3.16 -16.20 23.51
C LEU C 37 4.10 -16.56 22.38
N LEU C 38 5.41 -16.33 22.54
CA LEU C 38 6.30 -16.76 21.48
C LEU C 38 6.29 -18.26 21.35
N ARG C 39 6.16 -18.99 22.46
CA ARG C 39 6.22 -20.47 22.35
C ARG C 39 4.87 -20.98 21.88
N LYS C 40 3.77 -20.47 22.43
CA LYS C 40 2.44 -21.02 22.08
C LYS C 40 2.03 -20.59 20.68
N GLY C 41 2.37 -19.39 20.22
CA GLY C 41 1.95 -18.93 18.90
C GLY C 41 2.57 -19.74 17.76
N ASN C 42 3.40 -20.73 18.10
CA ASN C 42 4.10 -21.63 17.20
C ASN C 42 4.89 -20.86 16.14
N TYR C 43 5.46 -19.73 16.54
CA TYR C 43 6.39 -18.98 15.73
C TYR C 43 7.60 -19.85 15.44
N SER C 44 8.22 -20.43 16.46
CA SER C 44 9.33 -21.35 16.29
C SER C 44 9.26 -22.44 17.34
N GLU C 45 9.82 -23.60 17.00
CA GLU C 45 9.80 -24.71 17.93
C GLU C 45 10.61 -24.43 19.18
N ARG C 46 11.58 -23.53 19.10
CA ARG C 46 12.40 -23.22 20.26
C ARG C 46 12.62 -21.72 20.34
N VAL C 47 12.78 -21.24 21.57
CA VAL C 47 12.89 -19.82 21.86
C VAL C 47 14.04 -19.61 22.82
N GLY C 48 14.97 -18.73 22.45
CA GLY C 48 16.08 -18.43 23.32
C GLY C 48 15.62 -17.78 24.60
N ALA C 49 16.55 -17.53 25.52
CA ALA C 49 16.17 -16.94 26.79
C ALA C 49 16.13 -15.42 26.75
N GLY C 50 16.98 -14.80 25.94
CA GLY C 50 16.99 -13.35 25.93
C GLY C 50 15.95 -12.73 25.02
N ALA C 51 15.37 -13.54 24.14
CA ALA C 51 14.38 -13.01 23.22
C ALA C 51 13.19 -12.41 23.94
N PRO C 52 12.49 -13.12 24.83
CA PRO C 52 11.36 -12.48 25.49
C PRO C 52 11.73 -11.26 26.29
N VAL C 53 12.91 -11.24 26.91
CA VAL C 53 13.33 -10.05 27.64
C VAL C 53 13.44 -8.87 26.70
N TYR C 54 14.18 -9.06 25.61
CA TYR C 54 14.39 -7.96 24.67
C TYR C 54 13.06 -7.49 24.11
N LEU C 55 12.18 -8.44 23.82
CA LEU C 55 10.89 -8.10 23.23
C LEU C 55 10.02 -7.33 24.19
N ALA C 56 9.98 -7.75 25.46
CA ALA C 56 9.19 -7.00 26.43
C ALA C 56 9.73 -5.59 26.55
N ALA C 57 11.04 -5.44 26.53
CA ALA C 57 11.60 -4.09 26.61
C ALA C 57 11.19 -3.24 25.41
N VAL C 58 11.18 -3.85 24.22
CA VAL C 58 10.78 -3.11 23.02
C VAL C 58 9.33 -2.69 23.11
N LEU C 59 8.46 -3.61 23.54
CA LEU C 59 7.06 -3.23 23.67
C LEU C 59 6.91 -2.15 24.71
N GLU C 60 7.71 -2.21 25.76
CA GLU C 60 7.75 -1.17 26.77
C GLU C 60 8.10 0.17 26.18
N TYR C 61 9.12 0.21 25.33
CA TYR C 61 9.52 1.50 24.79
C TYR C 61 8.42 2.05 23.90
N LEU C 62 7.78 1.21 23.10
CA LEU C 62 6.77 1.77 22.22
C LEU C 62 5.59 2.29 23.03
N THR C 63 5.12 1.52 24.00
CA THR C 63 4.00 1.99 24.80
C THR C 63 4.39 3.25 25.56
N ALA C 64 5.60 3.38 26.09
CA ALA C 64 5.94 4.59 26.81
C ALA C 64 6.02 5.78 25.87
N GLU C 65 6.55 5.60 24.68
CA GLU C 65 6.60 6.70 23.74
C GLU C 65 5.19 7.18 23.42
N ILE C 66 4.33 6.24 23.04
CA ILE C 66 2.95 6.57 22.70
C ILE C 66 2.27 7.28 23.86
N LEU C 67 2.38 6.72 25.06
CA LEU C 67 1.67 7.31 26.19
C LEU C 67 2.21 8.68 26.56
N GLU C 68 3.51 8.90 26.44
CA GLU C 68 4.05 10.24 26.65
C GLU C 68 3.39 11.21 25.70
N LEU C 69 3.43 10.90 24.40
CA LEU C 69 2.86 11.81 23.43
C LEU C 69 1.37 12.02 23.66
N ALA C 70 0.63 10.95 23.96
CA ALA C 70 -0.81 11.07 24.15
C ALA C 70 -1.13 11.91 25.37
N GLY C 71 -0.39 11.73 26.45
CA GLY C 71 -0.62 12.55 27.62
C GLY C 71 -0.32 14.00 27.32
N ASN C 72 0.72 14.26 26.54
CA ASN C 72 0.97 15.64 26.14
C ASN C 72 -0.21 16.19 25.39
N ALA C 73 -0.71 15.47 24.40
CA ALA C 73 -1.87 15.95 23.67
C ALA C 73 -3.06 16.23 24.59
N ALA C 74 -3.35 15.31 25.53
CA ALA C 74 -4.50 15.53 26.39
C ALA C 74 -4.36 16.74 27.30
N ARG C 75 -3.18 16.90 27.92
CA ARG C 75 -2.93 18.09 28.76
C ARG C 75 -3.02 19.34 27.89
N ASP C 76 -2.52 19.27 26.65
CA ASP C 76 -2.61 20.39 25.73
C ASP C 76 -4.07 20.75 25.50
N ASN C 77 -4.93 19.73 25.44
CA ASN C 77 -6.36 19.89 25.31
C ASN C 77 -7.04 20.00 26.67
N LYS C 78 -6.26 20.26 27.73
CA LYS C 78 -6.80 20.45 29.07
C LYS C 78 -7.54 19.21 29.53
N LYS C 79 -7.18 18.06 29.01
CA LYS C 79 -7.84 16.83 29.37
C LYS C 79 -6.92 16.04 30.29
N THR C 80 -7.41 15.72 31.49
CA THR C 80 -6.50 15.08 32.44
C THR C 80 -6.37 13.60 32.16
N ARG C 81 -7.18 13.09 31.25
CA ARG C 81 -7.24 11.66 30.98
C ARG C 81 -7.17 11.47 29.47
N ILE C 82 -6.36 10.52 29.02
CA ILE C 82 -6.18 10.33 27.60
C ILE C 82 -7.35 9.52 27.06
N ILE C 83 -7.80 9.87 25.87
CA ILE C 83 -8.90 9.17 25.20
C ILE C 83 -8.49 8.90 23.75
N PRO C 84 -9.23 8.10 22.99
CA PRO C 84 -8.73 7.71 21.66
C PRO C 84 -8.37 8.89 20.78
N ARG C 85 -9.10 10.00 20.86
CA ARG C 85 -8.72 11.14 20.02
C ARG C 85 -7.30 11.56 20.34
N HIS C 86 -6.94 11.52 21.62
CA HIS C 86 -5.59 11.87 22.01
C HIS C 86 -4.58 10.93 21.39
N LEU C 87 -4.92 9.65 21.32
CA LEU C 87 -4.02 8.71 20.65
C LEU C 87 -3.88 9.05 19.18
N GLN C 88 -4.99 9.41 18.53
CA GLN C 88 -4.90 9.74 17.11
C GLN C 88 -4.06 10.98 16.92
N LEU C 89 -4.16 11.92 17.85
CA LEU C 89 -3.33 13.11 17.77
C LEU C 89 -1.88 12.77 17.98
N ALA C 90 -1.56 12.06 19.05
CA ALA C 90 -0.18 11.67 19.28
C ALA C 90 0.40 10.96 18.06
N ILE C 91 -0.33 9.98 17.51
CA ILE C 91 0.20 9.21 16.40
C ILE C 91 0.42 10.10 15.18
N ARG C 92 -0.64 10.78 14.74
CA ARG C 92 -0.54 11.51 13.50
C ARG C 92 0.36 12.74 13.62
N ASN C 93 0.56 13.28 14.81
CA ASN C 93 1.47 14.39 14.98
C ASN C 93 2.92 13.96 15.09
N ASP C 94 3.19 12.70 15.36
CA ASP C 94 4.55 12.22 15.35
C ASP C 94 4.87 11.65 13.98
N GLU C 95 6.01 12.04 13.43
CA GLU C 95 6.38 11.59 12.10
C GLU C 95 6.73 10.11 12.09
N GLU C 96 7.67 9.69 12.91
CA GLU C 96 8.10 8.30 12.86
C GLU C 96 7.01 7.33 13.30
N LEU C 97 6.17 7.72 14.27
CA LEU C 97 5.04 6.85 14.60
C LEU C 97 4.04 6.82 13.46
N ASN C 98 3.70 7.99 12.91
CA ASN C 98 2.76 8.04 11.82
C ASN C 98 3.31 7.23 10.67
N LYS C 99 4.62 7.03 10.66
CA LYS C 99 5.22 6.16 9.67
C LYS C 99 4.99 4.71 10.06
N LEU C 100 5.15 4.39 11.34
CA LEU C 100 4.99 3.00 11.76
C LEU C 100 3.54 2.56 11.70
N LEU C 101 2.63 3.44 12.07
CA LEU C 101 1.21 3.12 12.12
C LEU C 101 0.47 3.83 11.01
N GLY C 102 1.19 4.12 9.94
CA GLY C 102 0.62 4.92 8.87
C GLY C 102 -0.54 4.27 8.16
N ARG C 103 -0.49 2.95 8.01
CA ARG C 103 -1.53 2.26 7.31
C ARG C 103 -2.68 1.92 8.29
N VAL C 104 -2.59 2.40 9.55
CA VAL C 104 -3.49 2.05 10.66
C VAL C 104 -4.64 3.03 10.84
N THR C 105 -5.82 2.49 11.09
CA THR C 105 -7.00 3.27 11.42
C THR C 105 -7.32 3.10 12.90
N ILE C 106 -7.38 4.21 13.61
CA ILE C 106 -7.64 4.25 15.05
C ILE C 106 -9.12 4.43 15.33
N ALA C 107 -9.62 3.62 16.26
CA ALA C 107 -11.02 3.71 16.66
C ALA C 107 -11.33 5.08 17.26
N GLN C 108 -12.42 5.71 16.83
CA GLN C 108 -12.85 7.03 17.32
C GLN C 108 -11.72 8.05 17.26
N GLY C 109 -10.76 7.86 16.37
CA GLY C 109 -9.64 8.78 16.35
C GLY C 109 -9.91 10.11 15.69
N GLY C 110 -10.71 10.10 14.64
CA GLY C 110 -10.93 11.30 13.90
C GLY C 110 -9.74 11.57 13.02
N VAL C 111 -9.57 12.83 12.64
CA VAL C 111 -8.45 13.23 11.78
C VAL C 111 -7.79 14.46 12.38
N LEU C 112 -6.53 14.65 12.02
CA LEU C 112 -5.87 15.89 12.38
C LEU C 112 -6.61 17.08 11.79
N PRO C 113 -6.70 18.17 12.51
CA PRO C 113 -7.19 19.40 11.87
C PRO C 113 -6.21 19.78 10.78
N ASN C 114 -6.68 19.66 9.52
CA ASN C 114 -5.79 19.92 8.36
C ASN C 114 -6.58 20.57 7.23
N ILE C 115 -6.63 21.91 7.18
CA ILE C 115 -7.26 22.59 6.05
C ILE C 115 -6.19 23.08 5.10
N GLN C 116 -6.22 22.61 3.85
CA GLN C 116 -5.24 23.06 2.88
C GLN C 116 -5.36 24.56 2.66
N ALA C 117 -4.25 25.27 2.57
CA ALA C 117 -4.21 26.73 2.62
C ALA C 117 -5.11 27.36 1.57
N VAL C 118 -5.06 26.84 0.33
CA VAL C 118 -5.83 27.41 -0.77
C VAL C 118 -7.31 27.51 -0.43
N LEU C 119 -7.79 26.63 0.44
CA LEU C 119 -9.21 26.65 0.78
C LEU C 119 -9.58 27.81 1.69
N LEU C 120 -8.63 28.37 2.41
CA LEU C 120 -9.00 29.50 3.22
C LEU C 120 -9.29 30.69 2.32
N PRO C 121 -10.27 31.52 2.66
CA PRO C 121 -10.56 32.68 1.83
C PRO C 121 -9.52 33.78 2.04
N LYS C 122 -9.50 34.72 1.11
CA LYS C 122 -8.57 35.81 1.18
C LYS C 122 -9.32 37.13 1.33
N LYS D 34 -18.31 -19.19 35.77
CA LYS D 34 -17.35 -20.28 35.87
C LYS D 34 -15.94 -19.75 35.72
N ARG D 35 -15.27 -20.10 34.62
CA ARG D 35 -13.89 -19.68 34.38
C ARG D 35 -13.70 -19.30 32.91
N SER D 36 -13.66 -18.00 32.63
CA SER D 36 -13.44 -17.46 31.29
C SER D 36 -12.25 -16.51 31.29
N ARG D 37 -11.34 -16.72 30.32
CA ARG D 37 -10.06 -15.93 30.30
C ARG D 37 -9.85 -15.09 29.05
N LYS D 38 -9.85 -13.77 29.18
CA LYS D 38 -9.55 -12.78 28.17
C LYS D 38 -8.14 -12.33 28.50
N GLU D 39 -7.36 -12.08 27.47
CA GLU D 39 -5.96 -11.68 27.62
C GLU D 39 -5.77 -10.22 27.31
N SER D 40 -5.01 -9.54 28.14
CA SER D 40 -4.74 -8.14 27.90
C SER D 40 -3.41 -7.76 28.51
N TYR D 41 -3.01 -6.52 28.22
CA TYR D 41 -1.82 -5.90 28.75
C TYR D 41 -2.15 -4.74 29.65
N SER D 42 -3.40 -4.62 30.06
CA SER D 42 -3.90 -3.36 30.60
C SER D 42 -3.06 -2.94 31.78
N ILE D 43 -2.89 -3.82 32.76
CA ILE D 43 -2.22 -3.41 33.99
C ILE D 43 -0.81 -2.95 33.69
N TYR D 44 -0.13 -3.63 32.75
CA TYR D 44 1.21 -3.21 32.37
C TYR D 44 1.16 -1.85 31.72
N VAL D 45 0.14 -1.58 30.93
CA VAL D 45 0.04 -0.27 30.33
C VAL D 45 -0.17 0.78 31.40
N TYR D 46 -1.01 0.46 32.39
CA TYR D 46 -1.25 1.38 33.49
C TYR D 46 0.03 1.63 34.27
N LYS D 47 0.84 0.59 34.48
CA LYS D 47 2.12 0.76 35.13
C LYS D 47 3.01 1.71 34.35
N VAL D 48 3.15 1.45 33.05
CA VAL D 48 3.98 2.33 32.22
C VAL D 48 3.48 3.76 32.33
N LEU D 49 2.18 3.94 32.20
CA LEU D 49 1.57 5.26 32.26
C LEU D 49 1.89 5.95 33.58
N LYS D 50 1.73 5.26 34.71
CA LYS D 50 2.05 5.87 36.00
C LYS D 50 3.56 6.15 36.08
N GLN D 51 4.41 5.42 35.35
CA GLN D 51 5.82 5.75 35.33
C GLN D 51 6.10 7.03 34.56
N VAL D 52 5.32 7.30 33.52
CA VAL D 52 5.59 8.47 32.68
C VAL D 52 4.70 9.66 33.00
N HIS D 53 3.46 9.43 33.44
CA HIS D 53 2.52 10.51 33.69
C HIS D 53 1.66 10.17 34.90
N PRO D 54 2.23 10.32 36.12
CA PRO D 54 1.56 9.93 37.35
C PRO D 54 0.20 10.58 37.51
N ASP D 55 0.05 11.81 37.02
CA ASP D 55 -1.16 12.60 37.15
C ASP D 55 -2.14 12.45 35.99
N THR D 56 -2.09 11.35 35.25
CA THR D 56 -2.93 11.19 34.07
C THR D 56 -3.67 9.87 34.14
N GLY D 57 -4.90 9.85 33.61
CA GLY D 57 -5.70 8.66 33.55
C GLY D 57 -5.73 8.00 32.18
N ILE D 58 -6.46 6.89 32.11
CA ILE D 58 -6.68 6.17 30.86
C ILE D 58 -8.11 5.68 30.71
N SER D 59 -8.72 5.99 29.58
CA SER D 59 -10.08 5.56 29.29
C SER D 59 -10.07 4.07 29.01
N SER D 60 -11.12 3.36 29.42
CA SER D 60 -11.17 1.94 29.08
C SER D 60 -11.12 1.72 27.58
N LYS D 61 -11.68 2.65 26.81
CA LYS D 61 -11.61 2.58 25.36
C LYS D 61 -10.17 2.66 24.90
N ALA D 62 -9.40 3.60 25.43
CA ALA D 62 -8.01 3.71 25.07
C ALA D 62 -7.23 2.50 25.57
N MET D 63 -7.64 1.82 26.64
CA MET D 63 -6.84 0.71 27.10
C MET D 63 -7.12 -0.50 26.24
N GLY D 64 -8.26 -0.51 25.57
CA GLY D 64 -8.50 -1.55 24.60
C GLY D 64 -7.72 -1.25 23.34
N ILE D 65 -7.59 0.03 22.97
CA ILE D 65 -6.70 0.41 21.85
C ILE D 65 -5.26 0.07 22.19
N MET D 66 -4.76 0.40 23.38
CA MET D 66 -3.36 0.10 23.67
C MET D 66 -3.14 -1.39 23.64
N ASN D 67 -4.10 -2.15 24.17
CA ASN D 67 -3.95 -3.60 24.15
C ASN D 67 -3.86 -4.09 22.70
N SER D 68 -4.74 -3.59 21.84
CA SER D 68 -4.64 -3.98 20.45
C SER D 68 -3.33 -3.51 19.82
N PHE D 69 -2.86 -2.32 20.18
CA PHE D 69 -1.62 -1.82 19.60
C PHE D 69 -0.44 -2.68 19.99
N VAL D 70 -0.34 -3.01 21.27
CA VAL D 70 0.75 -3.87 21.71
C VAL D 70 0.67 -5.20 20.99
N ASN D 71 -0.52 -5.78 20.90
CA ASN D 71 -0.61 -7.06 20.24
C ASN D 71 -0.22 -6.98 18.77
N ASP D 72 -0.61 -5.91 18.08
CA ASP D 72 -0.23 -5.76 16.69
C ASP D 72 1.28 -5.63 16.52
N ILE D 73 1.90 -4.73 17.27
CA ILE D 73 3.34 -4.56 17.16
C ILE D 73 4.03 -5.87 17.51
N PHE D 74 3.53 -6.54 18.53
CA PHE D 74 4.01 -7.86 18.88
C PHE D 74 3.96 -8.79 17.70
N GLU D 75 2.80 -8.85 17.05
CA GLU D 75 2.64 -9.80 15.96
C GLU D 75 3.56 -9.50 14.80
N ARG D 76 3.75 -8.22 14.50
CA ARG D 76 4.71 -7.89 13.44
C ARG D 76 6.11 -8.31 13.81
N ILE D 77 6.57 -7.90 14.99
CA ILE D 77 7.95 -8.18 15.37
C ILE D 77 8.18 -9.69 15.46
N ALA D 78 7.26 -10.41 16.10
CA ALA D 78 7.47 -11.84 16.28
C ALA D 78 7.40 -12.57 14.95
N GLY D 79 6.51 -12.12 14.07
CA GLY D 79 6.45 -12.74 12.76
C GLY D 79 7.72 -12.50 11.98
N GLU D 80 8.23 -11.27 12.00
CA GLU D 80 9.47 -11.00 11.29
C GLU D 80 10.63 -11.76 11.89
N ALA D 81 10.69 -11.90 13.21
CA ALA D 81 11.82 -12.61 13.78
C ALA D 81 11.77 -14.09 13.44
N SER D 82 10.60 -14.71 13.61
CA SER D 82 10.44 -16.10 13.21
C SER D 82 10.75 -16.28 11.74
N ARG D 83 10.12 -15.48 10.89
CA ARG D 83 10.28 -15.53 9.44
C ARG D 83 11.75 -15.38 9.07
N LEU D 84 12.44 -14.48 9.75
CA LEU D 84 13.86 -14.26 9.48
C LEU D 84 14.67 -15.50 9.82
N ALA D 85 14.46 -16.06 11.00
CA ALA D 85 15.25 -17.23 11.39
C ALA D 85 15.14 -18.34 10.36
N HIS D 86 13.94 -18.63 9.87
CA HIS D 86 13.86 -19.68 8.86
C HIS D 86 14.54 -19.24 7.59
N TYR D 87 14.39 -17.97 7.23
CA TYR D 87 15.04 -17.46 6.04
C TYR D 87 16.55 -17.51 6.15
N ASN D 88 17.08 -17.53 7.36
CA ASN D 88 18.47 -17.68 7.66
C ASN D 88 18.82 -19.14 7.96
N LYS D 89 17.90 -20.10 7.74
CA LYS D 89 18.13 -21.50 8.08
C LYS D 89 18.48 -21.66 9.55
N ARG D 90 18.03 -20.80 10.44
CA ARG D 90 18.19 -20.94 11.88
C ARG D 90 16.86 -21.36 12.45
N SER D 91 16.93 -22.31 13.34
CA SER D 91 15.72 -22.87 13.97
C SER D 91 15.31 -22.19 15.27
N THR D 92 15.98 -21.14 15.71
CA THR D 92 15.74 -20.53 17.02
C THR D 92 15.65 -19.01 16.92
N ILE D 93 14.72 -18.46 17.70
CA ILE D 93 14.53 -17.03 17.89
C ILE D 93 15.43 -16.59 19.04
N THR D 94 16.47 -15.81 18.87
CA THR D 94 17.25 -15.33 20.01
C THR D 94 17.39 -13.82 19.94
N SER D 95 18.11 -13.23 20.88
CA SER D 95 18.27 -11.79 20.95
C SER D 95 18.72 -11.22 19.63
N ARG D 96 19.52 -11.97 18.86
CA ARG D 96 19.93 -11.47 17.56
C ARG D 96 18.73 -11.30 16.66
N GLU D 97 17.88 -12.31 16.53
CA GLU D 97 16.71 -12.25 15.65
C GLU D 97 15.79 -11.11 16.11
N ILE D 98 15.63 -10.92 17.41
CA ILE D 98 14.82 -9.81 17.87
C ILE D 98 15.48 -8.49 17.51
N GLN D 99 16.79 -8.39 17.71
CA GLN D 99 17.49 -7.15 17.43
C GLN D 99 17.34 -6.77 15.97
N THR D 100 17.48 -7.72 15.06
CA THR D 100 17.36 -7.36 13.66
C THR D 100 15.92 -7.09 13.28
N ALA D 101 14.93 -7.77 13.86
CA ALA D 101 13.55 -7.43 13.54
C ALA D 101 13.18 -6.04 14.06
N VAL D 102 13.67 -5.68 15.24
CA VAL D 102 13.39 -4.36 15.77
C VAL D 102 14.04 -3.31 14.90
N ARG D 103 15.33 -3.50 14.63
CA ARG D 103 16.06 -2.60 13.77
C ARG D 103 15.41 -2.48 12.42
N LEU D 104 14.82 -3.57 11.88
CA LEU D 104 14.11 -3.61 10.60
C LEU D 104 12.84 -2.80 10.65
N LEU D 105 11.94 -3.10 11.58
CA LEU D 105 10.57 -2.57 11.57
C LEU D 105 10.51 -1.10 11.98
N LEU D 106 11.18 -0.71 13.06
CA LEU D 106 11.13 0.68 13.47
C LEU D 106 12.03 1.56 12.62
N PRO D 107 11.57 2.71 12.23
CA PRO D 107 12.35 3.61 11.40
C PRO D 107 13.19 4.63 12.17
N GLY D 108 14.49 4.63 11.88
CA GLY D 108 15.39 5.64 12.41
C GLY D 108 15.41 5.81 13.92
N GLU D 109 15.22 7.06 14.35
CA GLU D 109 15.47 7.46 15.72
C GLU D 109 14.70 6.59 16.70
N LEU D 110 13.53 6.09 16.29
CA LEU D 110 12.80 5.16 17.13
C LEU D 110 13.57 3.87 17.30
N ALA D 111 14.04 3.30 16.20
CA ALA D 111 14.81 2.07 16.28
C ALA D 111 16.07 2.25 17.13
N LYS D 112 16.81 3.33 16.90
CA LYS D 112 18.03 3.51 17.67
C LYS D 112 17.76 3.55 19.17
N HIS D 113 16.68 4.22 19.60
CA HIS D 113 16.45 4.21 21.03
C HIS D 113 15.87 2.90 21.53
N ALA D 114 15.00 2.26 20.76
CA ALA D 114 14.43 1.01 21.22
C ALA D 114 15.51 -0.05 21.37
N VAL D 115 16.34 -0.17 20.35
CA VAL D 115 17.51 -1.03 20.40
C VAL D 115 18.36 -0.73 21.61
N SER D 116 18.62 0.56 21.86
CA SER D 116 19.49 0.89 22.97
C SER D 116 18.92 0.41 24.30
N GLU D 117 17.66 0.76 24.60
CA GLU D 117 17.13 0.32 25.88
C GLU D 117 17.02 -1.19 25.95
N GLY D 118 16.72 -1.84 24.84
CA GLY D 118 16.58 -3.28 24.88
C GLY D 118 17.92 -3.94 25.17
N THR D 119 18.98 -3.46 24.56
CA THR D 119 20.29 -4.01 24.85
C THR D 119 20.63 -3.79 26.32
N LYS D 120 20.33 -2.59 26.83
CA LYS D 120 20.59 -2.34 28.24
C LYS D 120 19.85 -3.35 29.11
N ALA D 121 18.58 -3.62 28.77
CA ALA D 121 17.78 -4.51 29.59
C ALA D 121 18.27 -5.93 29.51
N VAL D 122 18.62 -6.42 28.32
CA VAL D 122 19.09 -7.80 28.23
C VAL D 122 20.40 -7.94 28.99
N THR D 123 21.26 -6.92 28.92
CA THR D 123 22.50 -7.00 29.68
C THR D 123 22.20 -7.15 31.15
N LYS D 124 21.30 -6.30 31.66
CA LYS D 124 20.96 -6.39 33.07
C LYS D 124 20.41 -7.77 33.39
N TYR D 125 19.57 -8.32 32.51
CA TYR D 125 19.00 -9.64 32.80
C TYR D 125 20.09 -10.70 32.79
N THR D 126 21.02 -10.62 31.83
CA THR D 126 22.10 -11.60 31.78
C THR D 126 22.95 -11.49 33.03
N SER D 127 23.22 -10.27 33.49
CA SER D 127 24.02 -10.10 34.70
C SER D 127 23.32 -10.72 35.89
N ALA D 128 22.01 -10.55 35.98
CA ALA D 128 21.24 -11.10 37.09
C ALA D 128 21.24 -12.62 37.04
N PRO E 42 -32.28 40.82 7.29
CA PRO E 42 -31.74 39.86 6.32
C PRO E 42 -30.29 39.53 6.61
N HIS E 43 -29.99 38.25 6.78
CA HIS E 43 -28.62 37.86 7.05
C HIS E 43 -28.38 36.57 6.28
N ARG E 44 -27.23 36.47 5.64
CA ARG E 44 -26.90 35.27 4.87
C ARG E 44 -25.40 35.16 4.77
N TYR E 45 -24.84 34.10 5.34
CA TYR E 45 -23.40 33.85 5.27
C TYR E 45 -23.01 33.57 3.82
N ARG E 46 -21.95 34.21 3.33
CA ARG E 46 -21.50 33.98 1.97
C ARG E 46 -21.06 32.53 1.81
N PRO E 47 -21.29 31.93 0.65
CA PRO E 47 -20.98 30.51 0.49
C PRO E 47 -19.52 30.23 0.77
N GLY E 48 -19.28 29.13 1.47
CA GLY E 48 -17.96 28.71 1.86
C GLY E 48 -17.57 29.02 3.28
N THR E 49 -18.23 29.95 3.95
CA THR E 49 -17.83 30.27 5.32
C THR E 49 -18.34 29.24 6.31
N VAL E 50 -19.65 29.02 6.32
CA VAL E 50 -20.21 28.03 7.22
C VAL E 50 -19.64 26.67 6.90
N ALA E 51 -19.25 26.45 5.64
CA ALA E 51 -18.64 25.18 5.31
C ALA E 51 -17.32 25.01 6.05
N LEU E 52 -16.50 26.06 6.07
CA LEU E 52 -15.25 25.96 6.83
C LEU E 52 -15.51 25.79 8.32
N ARG E 53 -16.53 26.45 8.86
CA ARG E 53 -16.88 26.28 10.28
C ARG E 53 -17.21 24.83 10.56
N GLU E 54 -18.04 24.22 9.73
CA GLU E 54 -18.41 22.83 9.94
C GLU E 54 -17.24 21.91 9.67
N ILE E 55 -16.26 22.35 8.89
CA ILE E 55 -15.06 21.56 8.72
C ILE E 55 -14.31 21.51 10.03
N ARG E 56 -14.04 22.68 10.59
CA ARG E 56 -13.37 22.74 11.87
C ARG E 56 -14.11 21.89 12.89
N ARG E 57 -15.43 21.94 12.84
CA ARG E 57 -16.26 21.19 13.78
C ARG E 57 -16.07 19.69 13.60
N TYR E 58 -16.39 19.18 12.41
CA TYR E 58 -16.32 17.74 12.20
C TYR E 58 -14.90 17.22 12.24
N GLN E 59 -13.90 18.08 12.25
CA GLN E 59 -12.57 17.56 12.50
C GLN E 59 -12.25 17.57 13.97
N LYS E 60 -12.77 18.54 14.72
CA LYS E 60 -12.63 18.50 16.17
C LYS E 60 -13.37 17.30 16.76
N SER E 61 -14.37 16.78 16.07
CA SER E 61 -15.26 15.78 16.64
C SER E 61 -14.90 14.36 16.24
N THR E 62 -15.49 13.40 16.96
CA THR E 62 -15.25 11.98 16.75
C THR E 62 -16.51 11.14 16.56
N GLU E 63 -17.70 11.66 16.86
CA GLU E 63 -18.95 10.94 16.66
C GLU E 63 -18.98 10.25 15.31
N LEU E 64 -19.58 9.07 15.28
CA LEU E 64 -19.80 8.39 14.02
C LEU E 64 -20.73 9.25 13.17
N LEU E 65 -20.45 9.35 11.88
CA LEU E 65 -21.19 10.25 11.01
C LEU E 65 -22.32 9.54 10.29
N ILE E 66 -22.16 8.27 9.94
CA ILE E 66 -23.21 7.54 9.26
C ILE E 66 -24.32 7.22 10.25
N ARG E 67 -25.58 7.45 9.86
CA ARG E 67 -26.70 7.07 10.71
C ARG E 67 -26.68 5.56 10.94
N LYS E 68 -26.91 5.14 12.17
CA LYS E 68 -26.64 3.77 12.58
C LYS E 68 -27.59 2.77 11.93
N LEU E 69 -28.88 3.02 12.02
CA LEU E 69 -29.83 2.06 11.47
C LEU E 69 -29.74 1.89 9.96
N PRO E 70 -29.62 2.94 9.15
CA PRO E 70 -29.46 2.71 7.72
C PRO E 70 -28.21 1.93 7.41
N PHE E 71 -27.12 2.21 8.12
CA PHE E 71 -25.90 1.47 7.85
C PHE E 71 -26.03 0.01 8.26
N GLN E 72 -26.76 -0.27 9.33
CA GLN E 72 -26.92 -1.66 9.73
C GLN E 72 -27.78 -2.41 8.72
N ARG E 73 -28.88 -1.80 8.31
CA ARG E 73 -29.73 -2.40 7.29
C ARG E 73 -28.96 -2.63 6.00
N LEU E 74 -28.10 -1.68 5.62
CA LEU E 74 -27.30 -1.83 4.41
C LEU E 74 -26.35 -3.00 4.54
N VAL E 75 -25.70 -3.10 5.70
CA VAL E 75 -24.78 -4.20 5.93
C VAL E 75 -25.53 -5.51 5.74
N ARG E 76 -26.72 -5.59 6.32
CA ARG E 76 -27.52 -6.80 6.15
C ARG E 76 -27.82 -7.05 4.68
N GLU E 77 -28.12 -6.02 3.89
CA GLU E 77 -28.34 -6.16 2.46
C GLU E 77 -27.11 -6.78 1.78
N ILE E 78 -25.90 -6.34 2.12
CA ILE E 78 -24.70 -6.89 1.52
C ILE E 78 -24.50 -8.33 1.95
N ALA E 79 -24.62 -8.59 3.25
CA ALA E 79 -24.37 -9.94 3.72
C ALA E 79 -25.37 -10.92 3.15
N GLN E 80 -26.62 -10.48 2.98
CA GLN E 80 -27.69 -11.32 2.47
C GLN E 80 -27.33 -11.93 1.13
N ASP E 81 -26.51 -11.24 0.34
CA ASP E 81 -26.15 -11.75 -0.96
C ASP E 81 -25.24 -12.97 -0.84
N PHE E 82 -24.35 -12.96 0.15
CA PHE E 82 -23.42 -14.07 0.30
C PHE E 82 -24.03 -15.25 1.02
N LYS E 83 -24.90 -14.99 1.98
CA LYS E 83 -25.59 -16.05 2.68
C LYS E 83 -26.78 -15.46 3.39
N THR E 84 -27.82 -16.26 3.55
CA THR E 84 -29.06 -15.82 4.13
C THR E 84 -29.06 -16.20 5.59
N ASP E 85 -29.97 -15.57 6.34
CA ASP E 85 -30.13 -15.82 7.78
C ASP E 85 -28.83 -15.64 8.55
N LEU E 86 -28.10 -14.55 8.30
CA LEU E 86 -26.87 -14.26 9.00
C LEU E 86 -27.10 -13.23 10.12
N ARG E 87 -26.60 -13.51 11.31
CA ARG E 87 -26.78 -12.68 12.50
C ARG E 87 -25.49 -11.92 12.78
N PHE E 88 -25.63 -10.66 13.16
CA PHE E 88 -24.53 -9.75 13.43
C PHE E 88 -24.52 -9.34 14.88
N GLN E 89 -23.40 -9.54 15.57
CA GLN E 89 -23.17 -8.88 16.85
C GLN E 89 -23.21 -7.36 16.62
N SER E 90 -23.71 -6.59 17.58
CA SER E 90 -23.67 -5.14 17.47
C SER E 90 -22.25 -4.61 17.34
N SER E 91 -21.32 -5.18 18.08
CA SER E 91 -19.95 -4.71 17.94
C SER E 91 -19.45 -4.91 16.53
N ALA E 92 -19.86 -5.98 15.86
CA ALA E 92 -19.39 -6.21 14.51
C ALA E 92 -19.90 -5.15 13.54
N VAL E 93 -21.20 -4.81 13.62
CA VAL E 93 -21.73 -3.77 12.74
C VAL E 93 -21.05 -2.45 13.06
N MET E 94 -20.83 -2.17 14.33
CA MET E 94 -20.16 -0.93 14.71
C MET E 94 -18.76 -0.90 14.12
N ALA E 95 -18.12 -2.05 14.05
CA ALA E 95 -16.80 -2.11 13.46
C ALA E 95 -16.86 -1.80 11.98
N LEU E 96 -17.79 -2.40 11.26
CA LEU E 96 -17.93 -2.06 9.85
C LEU E 96 -18.14 -0.58 9.67
N GLN E 97 -18.92 0.05 10.54
CA GLN E 97 -19.20 1.47 10.36
C GLN E 97 -17.95 2.29 10.61
N GLU E 98 -17.14 2.05 11.58
CA GLU E 98 -15.99 2.65 12.06
C GLU E 98 -14.98 2.58 10.92
N ALA E 99 -14.89 1.40 10.31
CA ALA E 99 -13.92 1.17 9.25
C ALA E 99 -14.36 1.90 8.00
N CYS E 100 -15.65 1.86 7.66
CA CYS E 100 -16.08 2.57 6.47
C CYS E 100 -15.83 4.05 6.59
N GLU E 101 -16.14 4.62 7.75
CA GLU E 101 -15.88 6.03 7.90
C GLU E 101 -14.38 6.31 7.72
N ALA E 102 -13.46 5.52 8.29
CA ALA E 102 -12.05 5.80 8.11
C ALA E 102 -11.66 5.66 6.65
N TYR E 103 -12.17 4.64 5.97
CA TYR E 103 -11.81 4.47 4.57
C TYR E 103 -12.29 5.64 3.73
N LEU E 104 -13.56 6.02 3.85
CA LEU E 104 -14.02 7.13 3.02
C LEU E 104 -13.33 8.43 3.38
N VAL E 105 -12.98 8.64 4.64
CA VAL E 105 -12.33 9.88 5.01
C VAL E 105 -10.95 9.95 4.35
N GLY E 106 -10.19 8.86 4.44
CA GLY E 106 -8.90 8.87 3.76
C GLY E 106 -9.06 9.03 2.26
N LEU E 107 -10.06 8.40 1.66
CA LEU E 107 -10.32 8.56 0.25
C LEU E 107 -10.61 10.02 -0.07
N PHE E 108 -11.38 10.71 0.77
CA PHE E 108 -11.67 12.11 0.51
C PHE E 108 -10.45 12.97 0.72
N GLU E 109 -9.56 12.60 1.64
CA GLU E 109 -8.30 13.31 1.74
C GLU E 109 -7.56 13.28 0.41
N ASP E 110 -7.34 12.08 -0.10
CA ASP E 110 -6.65 11.95 -1.38
C ASP E 110 -7.40 12.65 -2.50
N THR E 111 -8.73 12.58 -2.46
CA THR E 111 -9.52 13.19 -3.52
C THR E 111 -9.41 14.70 -3.50
N ASN E 112 -9.47 15.29 -2.31
CA ASN E 112 -9.34 16.71 -2.18
C ASN E 112 -7.95 17.14 -2.67
N LEU E 113 -6.91 16.35 -2.40
CA LEU E 113 -5.58 16.65 -2.91
C LEU E 113 -5.60 16.63 -4.43
N CYS E 114 -6.26 15.65 -5.04
CA CYS E 114 -6.37 15.61 -6.49
C CYS E 114 -7.10 16.83 -7.03
N ALA E 115 -8.19 17.21 -6.40
CA ALA E 115 -8.97 18.36 -6.84
C ALA E 115 -8.15 19.63 -6.75
N ILE E 116 -7.49 19.86 -5.63
CA ILE E 116 -6.67 21.05 -5.44
C ILE E 116 -5.51 21.05 -6.40
N HIS E 117 -5.01 19.89 -6.79
CA HIS E 117 -3.95 19.85 -7.79
C HIS E 117 -4.46 20.34 -9.14
N ALA E 118 -5.70 19.98 -9.47
CA ALA E 118 -6.31 20.51 -10.68
C ALA E 118 -6.47 22.02 -10.63
N LYS E 119 -6.24 22.64 -9.48
CA LYS E 119 -6.63 24.03 -9.24
C LYS E 119 -8.14 24.21 -9.33
N ARG E 120 -8.87 23.24 -8.79
CA ARG E 120 -10.33 23.27 -8.76
C ARG E 120 -10.75 22.99 -7.32
N VAL E 121 -11.43 23.96 -6.71
CA VAL E 121 -11.91 23.74 -5.35
C VAL E 121 -13.00 22.68 -5.28
N THR E 122 -13.80 22.52 -6.33
CA THR E 122 -14.83 21.49 -6.35
C THR E 122 -14.26 20.12 -6.65
N ILE E 123 -14.72 19.11 -5.93
CA ILE E 123 -14.41 17.72 -6.26
C ILE E 123 -15.48 17.19 -7.21
N MET E 124 -15.08 16.34 -8.14
CA MET E 124 -16.02 15.72 -9.07
C MET E 124 -15.67 14.25 -9.15
N PRO E 125 -16.57 13.42 -9.68
CA PRO E 125 -16.29 11.97 -9.71
C PRO E 125 -14.99 11.60 -10.37
N LYS E 126 -14.55 12.33 -11.38
CA LYS E 126 -13.27 12.01 -12.02
C LYS E 126 -12.16 12.01 -10.99
N ASP E 127 -12.28 12.87 -9.99
CA ASP E 127 -11.29 12.89 -8.93
C ASP E 127 -11.33 11.57 -8.17
N ILE E 128 -12.52 11.06 -7.89
CA ILE E 128 -12.61 9.79 -7.18
C ILE E 128 -12.02 8.67 -8.01
N GLN E 129 -12.38 8.56 -9.29
CA GLN E 129 -11.79 7.45 -10.03
C GLN E 129 -10.27 7.56 -10.06
N LEU E 130 -9.74 8.78 -10.11
CA LEU E 130 -8.29 8.88 -10.10
C LEU E 130 -7.69 8.51 -8.76
N ALA E 131 -8.23 9.07 -7.67
CA ALA E 131 -7.70 8.75 -6.36
C ALA E 131 -7.71 7.24 -6.14
N ARG E 132 -8.78 6.58 -6.55
CA ARG E 132 -8.83 5.14 -6.34
C ARG E 132 -7.87 4.41 -7.25
N ARG E 133 -7.80 4.78 -8.52
CA ARG E 133 -6.89 4.10 -9.42
C ARG E 133 -5.46 4.22 -8.92
N ILE E 134 -5.09 5.37 -8.37
CA ILE E 134 -3.74 5.53 -7.84
C ILE E 134 -3.55 4.78 -6.53
N ARG E 135 -4.55 4.68 -5.66
CA ARG E 135 -4.43 3.86 -4.45
C ARG E 135 -4.15 2.39 -4.79
N GLY E 136 -4.30 2.02 -6.05
CA GLY E 136 -4.12 0.70 -6.57
C GLY E 136 -5.34 -0.18 -6.58
N GLU E 137 -6.45 0.26 -6.00
CA GLU E 137 -7.66 -0.54 -6.05
C GLU E 137 -8.22 -0.45 -7.47
N ARG E 138 -8.84 -1.54 -7.94
CA ARG E 138 -9.41 -1.49 -9.27
C ARG E 138 -10.48 -0.42 -9.34
N ALA E 139 -10.42 0.40 -10.38
CA ALA E 139 -11.39 1.46 -10.57
C ALA E 139 -11.51 1.81 -12.04
N VAL F 25 -36.15 -9.80 3.79
CA VAL F 25 -35.29 -9.36 2.70
C VAL F 25 -35.19 -7.83 2.73
N LEU F 26 -34.04 -7.31 2.33
CA LEU F 26 -33.82 -5.86 2.26
C LEU F 26 -33.40 -5.46 0.86
N ARG F 27 -33.88 -4.31 0.41
CA ARG F 27 -33.61 -3.86 -0.95
C ARG F 27 -33.47 -2.35 -1.01
N ASP F 28 -32.55 -1.89 -1.86
CA ASP F 28 -32.35 -0.46 -2.15
C ASP F 28 -32.18 0.39 -0.90
N ASN F 29 -31.41 -0.09 0.08
CA ASN F 29 -31.16 0.74 1.24
C ASN F 29 -29.77 1.36 1.12
N ILE F 30 -29.14 1.18 -0.04
CA ILE F 30 -27.89 1.87 -0.30
C ILE F 30 -28.17 3.35 -0.36
N GLN F 31 -29.40 3.73 -0.64
CA GLN F 31 -29.78 5.12 -0.55
C GLN F 31 -29.79 5.57 0.89
N GLY F 32 -29.81 4.60 1.82
CA GLY F 32 -29.74 4.92 3.24
C GLY F 32 -28.50 5.70 3.62
N ILE F 33 -27.44 5.56 2.85
CA ILE F 33 -26.28 6.40 3.06
C ILE F 33 -26.61 7.71 2.39
N THR F 34 -27.36 8.54 3.10
CA THR F 34 -27.99 9.71 2.51
C THR F 34 -26.99 10.80 2.14
N LYS F 35 -27.44 11.68 1.26
CA LYS F 35 -26.69 12.87 0.84
C LYS F 35 -26.04 13.63 1.99
N PRO F 36 -26.72 14.02 3.06
CA PRO F 36 -26.02 14.76 4.11
C PRO F 36 -24.97 13.92 4.79
N ALA F 37 -25.16 12.60 4.85
CA ALA F 37 -24.14 11.77 5.47
C ALA F 37 -22.87 11.78 4.64
N ILE F 38 -22.99 11.64 3.33
CA ILE F 38 -21.83 11.78 2.46
C ILE F 38 -21.22 13.15 2.62
N ARG F 39 -22.07 14.17 2.70
CA ARG F 39 -21.56 15.52 2.89
C ARG F 39 -20.72 15.61 4.14
N ARG F 40 -21.21 15.08 5.25
CA ARG F 40 -20.46 15.12 6.50
C ARG F 40 -19.20 14.29 6.44
N LEU F 41 -19.21 13.14 5.79
CA LEU F 41 -17.97 12.39 5.64
C LEU F 41 -16.94 13.21 4.89
N ALA F 42 -17.31 13.72 3.73
CA ALA F 42 -16.40 14.54 2.96
C ALA F 42 -15.85 15.66 3.82
N ARG F 43 -16.75 16.39 4.49
CA ARG F 43 -16.30 17.46 5.35
C ARG F 43 -15.27 16.98 6.37
N ARG F 44 -15.51 15.81 6.98
CA ARG F 44 -14.48 15.30 7.86
C ARG F 44 -13.20 15.01 7.09
N GLY F 45 -13.32 14.91 5.78
CA GLY F 45 -12.12 14.69 5.01
C GLY F 45 -11.52 15.96 4.49
N GLY F 46 -12.11 17.11 4.77
CA GLY F 46 -11.55 18.35 4.33
C GLY F 46 -12.11 18.86 3.04
N VAL F 47 -13.26 18.40 2.65
CA VAL F 47 -13.82 18.75 1.36
C VAL F 47 -14.70 19.98 1.57
N LYS F 48 -14.59 20.94 0.67
CA LYS F 48 -15.34 22.18 0.84
C LYS F 48 -16.55 22.32 -0.06
N ARG F 49 -16.34 22.13 -1.37
CA ARG F 49 -17.44 22.19 -2.36
C ARG F 49 -17.59 20.81 -2.99
N ILE F 50 -18.81 20.39 -3.36
CA ILE F 50 -19.05 19.02 -3.82
C ILE F 50 -19.99 19.00 -5.00
N SER F 51 -19.60 18.32 -6.07
CA SER F 51 -20.50 18.16 -7.19
C SER F 51 -21.54 17.08 -6.92
N GLY F 52 -22.74 17.29 -7.45
CA GLY F 52 -23.88 16.44 -7.18
C GLY F 52 -23.73 15.01 -7.65
N LEU F 53 -22.74 14.71 -8.47
CA LEU F 53 -22.53 13.34 -8.91
C LEU F 53 -21.69 12.53 -7.93
N ILE F 54 -20.97 13.20 -7.04
CA ILE F 54 -20.19 12.51 -6.01
C ILE F 54 -21.04 11.50 -5.25
N TYR F 55 -22.33 11.77 -5.07
CA TYR F 55 -23.13 10.91 -4.21
C TYR F 55 -23.28 9.51 -4.78
N GLU F 56 -23.62 9.41 -6.06
CA GLU F 56 -23.76 8.07 -6.62
C GLU F 56 -22.42 7.36 -6.72
N GLU F 57 -21.38 8.08 -7.08
CA GLU F 57 -20.06 7.49 -7.16
C GLU F 57 -19.62 6.95 -5.82
N THR F 58 -19.84 7.73 -4.76
CA THR F 58 -19.40 7.28 -3.45
C THR F 58 -20.26 6.15 -2.94
N ARG F 59 -21.55 6.13 -3.27
CA ARG F 59 -22.35 4.98 -2.90
C ARG F 59 -21.79 3.72 -3.57
N GLY F 60 -21.38 3.83 -4.83
CA GLY F 60 -20.81 2.67 -5.50
C GLY F 60 -19.49 2.22 -4.89
N VAL F 61 -18.60 3.19 -4.64
CA VAL F 61 -17.33 2.90 -3.97
C VAL F 61 -17.58 2.19 -2.66
N LEU F 62 -18.50 2.73 -1.87
CA LEU F 62 -18.78 2.18 -0.57
C LEU F 62 -19.34 0.78 -0.70
N LYS F 63 -20.21 0.57 -1.69
CA LYS F 63 -20.74 -0.75 -1.94
C LYS F 63 -19.64 -1.75 -2.25
N VAL F 64 -18.62 -1.31 -2.99
CA VAL F 64 -17.51 -2.19 -3.34
C VAL F 64 -16.74 -2.59 -2.09
N PHE F 65 -16.34 -1.59 -1.33
CA PHE F 65 -15.61 -1.84 -0.10
C PHE F 65 -16.36 -2.84 0.76
N LEU F 66 -17.63 -2.55 1.04
CA LEU F 66 -18.37 -3.44 1.96
C LEU F 66 -18.41 -4.86 1.38
N GLU F 67 -18.72 -5.04 0.10
CA GLU F 67 -18.86 -6.41 -0.36
C GLU F 67 -17.54 -7.18 -0.22
N ASN F 68 -16.37 -6.54 -0.31
CA ASN F 68 -15.12 -7.20 0.01
C ASN F 68 -14.98 -7.50 1.49
N VAL F 69 -15.24 -6.50 2.35
CA VAL F 69 -15.08 -6.74 3.77
C VAL F 69 -16.05 -7.80 4.25
N ILE F 70 -17.29 -7.76 3.79
CA ILE F 70 -18.29 -8.68 4.28
C ILE F 70 -18.04 -10.08 3.73
N ARG F 71 -17.52 -10.17 2.52
CA ARG F 71 -17.12 -11.45 1.97
C ARG F 71 -16.07 -12.10 2.85
N ASP F 72 -15.09 -11.32 3.27
CA ASP F 72 -14.04 -11.89 4.11
C ASP F 72 -14.59 -12.25 5.49
N ALA F 73 -15.51 -11.45 6.01
CA ALA F 73 -16.02 -11.73 7.34
C ALA F 73 -16.88 -12.98 7.35
N VAL F 74 -17.82 -13.07 6.42
CA VAL F 74 -18.64 -14.27 6.33
C VAL F 74 -17.79 -15.49 6.05
N THR F 75 -16.70 -15.33 5.30
CA THR F 75 -15.83 -16.48 5.09
C THR F 75 -15.19 -16.94 6.40
N TYR F 76 -14.56 -16.02 7.13
CA TYR F 76 -14.02 -16.40 8.44
C TYR F 76 -15.08 -17.03 9.30
N THR F 77 -16.32 -16.60 9.13
CA THR F 77 -17.36 -17.13 10.00
C THR F 77 -17.62 -18.58 9.61
N GLU F 78 -18.00 -18.78 8.36
CA GLU F 78 -18.26 -20.11 7.82
C GLU F 78 -17.18 -21.11 8.19
N HIS F 79 -15.91 -20.69 8.11
CA HIS F 79 -14.80 -21.55 8.46
C HIS F 79 -14.89 -22.05 9.88
N ALA F 80 -15.37 -21.23 10.79
CA ALA F 80 -15.46 -21.62 12.22
C ALA F 80 -16.71 -22.45 12.46
N LYS F 81 -17.41 -22.84 11.38
CA LYS F 81 -18.68 -23.60 11.52
C LYS F 81 -19.60 -22.76 12.40
N ARG F 82 -19.55 -21.43 12.32
CA ARG F 82 -20.32 -20.51 13.15
C ARG F 82 -21.30 -19.77 12.25
N LYS F 83 -22.43 -19.33 12.78
CA LYS F 83 -23.48 -18.67 12.01
C LYS F 83 -23.76 -17.24 12.48
N THR F 84 -22.85 -16.65 13.23
CA THR F 84 -22.94 -15.25 13.61
C THR F 84 -21.59 -14.62 13.31
N VAL F 85 -21.57 -13.40 12.82
CA VAL F 85 -20.30 -12.82 12.46
C VAL F 85 -19.88 -11.94 13.63
N THR F 86 -18.79 -12.32 14.26
CA THR F 86 -18.35 -11.59 15.42
C THR F 86 -17.56 -10.37 15.02
N ALA F 87 -17.31 -9.49 15.98
CA ALA F 87 -16.46 -8.36 15.70
C ALA F 87 -15.05 -8.82 15.39
N MET F 88 -14.60 -9.90 16.02
CA MET F 88 -13.28 -10.42 15.72
C MET F 88 -13.19 -10.85 14.26
N ASP F 89 -14.25 -11.41 13.68
CA ASP F 89 -14.24 -11.74 12.25
C ASP F 89 -14.07 -10.48 11.41
N VAL F 90 -14.75 -9.39 11.78
CA VAL F 90 -14.59 -8.15 11.02
C VAL F 90 -13.17 -7.63 11.15
N VAL F 91 -12.60 -7.72 12.34
CA VAL F 91 -11.27 -7.18 12.52
C VAL F 91 -10.30 -7.94 11.65
N TYR F 92 -10.38 -9.26 11.66
CA TYR F 92 -9.50 -10.05 10.83
C TYR F 92 -9.77 -9.81 9.35
N ALA F 93 -11.00 -9.56 8.93
CA ALA F 93 -11.22 -9.26 7.53
C ALA F 93 -10.49 -8.00 7.12
N LEU F 94 -10.61 -6.94 7.91
CA LEU F 94 -9.87 -5.73 7.56
C LEU F 94 -8.38 -5.95 7.63
N LYS F 95 -7.91 -6.58 8.71
CA LYS F 95 -6.48 -6.87 8.92
C LYS F 95 -5.89 -7.61 7.74
N ARG F 96 -6.62 -8.56 7.15
CA ARG F 96 -6.18 -9.22 5.90
C ARG F 96 -6.07 -8.21 4.77
N GLN F 97 -7.04 -7.33 4.64
CA GLN F 97 -7.10 -6.27 3.66
C GLN F 97 -6.03 -5.23 3.91
N GLY F 98 -5.25 -5.43 4.96
CA GLY F 98 -4.22 -4.49 5.31
C GLY F 98 -4.71 -3.22 5.95
N ARG F 99 -5.91 -3.23 6.51
CA ARG F 99 -6.54 -2.06 7.13
C ARG F 99 -6.95 -2.39 8.54
N THR F 100 -5.96 -2.86 9.29
CA THR F 100 -6.22 -3.34 10.64
C THR F 100 -6.89 -2.26 11.47
N LEU F 101 -7.85 -2.69 12.27
CA LEU F 101 -8.67 -1.80 13.08
C LEU F 101 -8.43 -2.12 14.53
N TYR F 102 -7.91 -1.15 15.26
CA TYR F 102 -7.75 -1.31 16.69
C TYR F 102 -9.04 -0.92 17.40
N GLY F 103 -9.14 -1.29 18.66
CA GLY F 103 -10.22 -0.87 19.52
C GLY F 103 -11.32 -1.89 19.72
N PHE F 104 -11.43 -2.86 18.83
CA PHE F 104 -12.46 -3.88 18.83
C PHE F 104 -11.99 -5.21 19.41
N GLY F 105 -10.83 -5.24 20.09
CA GLY F 105 -10.32 -6.45 20.69
C GLY F 105 -9.34 -7.20 19.85
N GLY F 106 -9.09 -6.74 18.62
CA GLY F 106 -8.17 -7.39 17.71
C GLY F 106 -6.84 -7.76 18.33
N ALA G 14 4.69 -58.78 0.43
CA ALA G 14 4.19 -58.27 1.69
C ALA G 14 4.13 -56.74 1.65
N ARG G 15 4.75 -56.16 0.62
CA ARG G 15 4.74 -54.73 0.40
C ARG G 15 3.99 -54.41 -0.89
N ALA G 16 3.03 -53.49 -0.79
CA ALA G 16 2.24 -53.11 -1.96
C ALA G 16 3.08 -52.33 -2.97
N LYS G 17 2.66 -52.41 -4.23
CA LYS G 17 3.37 -51.69 -5.31
C LYS G 17 3.29 -50.20 -5.00
N ALA G 18 4.39 -49.49 -5.19
CA ALA G 18 4.46 -48.07 -4.86
C ALA G 18 3.43 -47.26 -5.64
N LYS G 19 2.62 -46.44 -4.98
CA LYS G 19 1.66 -45.57 -5.66
C LYS G 19 1.74 -44.19 -5.05
N THR G 20 2.38 -43.26 -5.76
CA THR G 20 2.62 -41.91 -5.25
C THR G 20 1.30 -41.26 -4.89
N ARG G 21 1.31 -40.48 -3.81
CA ARG G 21 0.10 -39.77 -3.43
C ARG G 21 -0.43 -38.91 -4.57
N SER G 22 0.45 -38.32 -5.36
CA SER G 22 -0.01 -37.50 -6.48
C SER G 22 -0.72 -38.34 -7.53
N SER G 23 -0.23 -39.55 -7.77
CA SER G 23 -0.94 -40.46 -8.65
C SER G 23 -2.22 -40.96 -8.00
N ARG G 24 -2.27 -41.13 -6.68
CA ARG G 24 -3.51 -41.46 -5.97
C ARG G 24 -4.49 -40.31 -6.06
N ALA G 25 -4.03 -39.10 -6.40
CA ALA G 25 -4.91 -37.96 -6.53
C ALA G 25 -5.11 -37.56 -7.97
N GLY G 26 -4.31 -38.12 -8.87
CA GLY G 26 -4.42 -37.82 -10.28
C GLY G 26 -3.87 -36.44 -10.55
N LEU G 27 -2.69 -36.17 -10.03
CA LEU G 27 -2.06 -34.88 -10.18
C LEU G 27 -0.62 -35.06 -10.64
N GLN G 28 -0.02 -33.97 -11.08
CA GLN G 28 1.40 -33.88 -11.39
C GLN G 28 2.22 -33.20 -10.30
N PHE G 29 1.63 -32.27 -9.55
CA PHE G 29 2.35 -31.59 -8.46
C PHE G 29 2.70 -32.59 -7.35
N PRO G 30 3.82 -32.40 -6.65
CA PRO G 30 4.23 -33.37 -5.63
C PRO G 30 3.48 -33.23 -4.34
N VAL G 31 2.82 -34.30 -3.91
CA VAL G 31 2.13 -34.23 -2.64
C VAL G 31 3.12 -34.39 -1.50
N GLY G 32 4.10 -35.27 -1.67
CA GLY G 32 5.04 -35.46 -0.59
C GLY G 32 5.86 -34.22 -0.31
N ARG G 33 6.32 -33.53 -1.37
CA ARG G 33 7.10 -32.32 -1.16
C ARG G 33 6.28 -31.22 -0.46
N VAL G 34 5.02 -31.07 -0.83
CA VAL G 34 4.20 -30.02 -0.21
C VAL G 34 3.90 -30.38 1.23
N HIS G 35 3.61 -31.66 1.47
CA HIS G 35 3.44 -32.19 2.82
C HIS G 35 4.66 -31.83 3.64
N ARG G 36 5.84 -32.13 3.09
CA ARG G 36 7.09 -31.85 3.81
C ARG G 36 7.12 -30.35 4.13
N LEU G 37 6.84 -29.52 3.16
CA LEU G 37 6.97 -28.09 3.32
C LEU G 37 5.95 -27.52 4.33
N LEU G 38 4.74 -28.06 4.43
CA LEU G 38 3.85 -27.60 5.49
C LEU G 38 4.35 -28.05 6.84
N ARG G 39 4.94 -29.24 6.93
CA ARG G 39 5.36 -29.65 8.29
C ARG G 39 6.69 -28.96 8.63
N LYS G 40 7.61 -28.92 7.66
CA LYS G 40 8.94 -28.39 7.91
C LYS G 40 8.96 -26.88 7.80
N GLY G 41 7.85 -26.24 7.46
CA GLY G 41 7.72 -24.80 7.51
C GLY G 41 7.34 -24.31 8.90
N ASN G 42 7.07 -25.23 9.85
CA ASN G 42 6.67 -24.85 11.23
C ASN G 42 5.38 -24.03 11.18
N TYR G 43 4.56 -24.17 10.14
CA TYR G 43 3.26 -23.52 10.04
C TYR G 43 2.37 -24.00 11.18
N SER G 44 2.27 -25.30 11.38
CA SER G 44 1.47 -25.93 12.41
C SER G 44 2.20 -27.15 12.93
N GLU G 45 2.05 -27.50 14.21
CA GLU G 45 2.65 -28.71 14.74
C GLU G 45 2.09 -29.95 14.09
N ARG G 46 0.86 -29.88 13.58
CA ARG G 46 0.25 -31.04 12.96
C ARG G 46 -0.45 -30.64 11.68
N VAL G 47 -0.51 -31.56 10.74
CA VAL G 47 -1.03 -31.33 9.40
C VAL G 47 -1.95 -32.47 9.03
N GLY G 48 -3.19 -32.14 8.65
CA GLY G 48 -4.12 -33.17 8.24
C GLY G 48 -3.65 -33.87 6.99
N ALA G 49 -4.39 -34.88 6.56
CA ALA G 49 -3.99 -35.63 5.38
C ALA G 49 -4.49 -35.02 4.08
N GLY G 50 -5.66 -34.39 4.10
CA GLY G 50 -6.16 -33.83 2.87
C GLY G 50 -5.63 -32.47 2.53
N ALA G 51 -5.01 -31.81 3.50
CA ALA G 51 -4.48 -30.48 3.26
C ALA G 51 -3.44 -30.47 2.15
N PRO G 52 -2.37 -31.26 2.18
CA PRO G 52 -1.42 -31.21 1.08
C PRO G 52 -2.02 -31.57 -0.25
N VAL G 53 -2.98 -32.50 -0.29
CA VAL G 53 -3.60 -32.83 -1.56
C VAL G 53 -4.32 -31.61 -2.12
N TYR G 54 -5.17 -31.00 -1.30
CA TYR G 54 -5.93 -29.85 -1.76
C TYR G 54 -5.00 -28.74 -2.19
N LEU G 55 -3.93 -28.54 -1.44
CA LEU G 55 -3.00 -27.46 -1.74
C LEU G 55 -2.26 -27.71 -3.05
N ALA G 56 -1.81 -28.93 -3.27
CA ALA G 56 -1.15 -29.23 -4.53
C ALA G 56 -2.11 -28.99 -5.69
N ALA G 57 -3.36 -29.36 -5.53
CA ALA G 57 -4.32 -29.13 -6.60
C ALA G 57 -4.49 -27.64 -6.85
N VAL G 58 -4.54 -26.84 -5.80
CA VAL G 58 -4.68 -25.39 -5.96
C VAL G 58 -3.48 -24.81 -6.69
N LEU G 59 -2.27 -25.22 -6.30
CA LEU G 59 -1.10 -24.72 -6.99
C LEU G 59 -1.11 -25.16 -8.44
N GLU G 60 -1.61 -26.36 -8.68
CA GLU G 60 -1.79 -26.86 -10.03
C GLU G 60 -2.69 -25.97 -10.84
N TYR G 61 -3.82 -25.58 -10.26
CA TYR G 61 -4.74 -24.76 -11.03
C TYR G 61 -4.13 -23.41 -11.35
N LEU G 62 -3.43 -22.82 -10.39
CA LEU G 62 -2.87 -21.51 -10.69
C LEU G 62 -1.82 -21.61 -11.77
N THR G 63 -0.91 -22.57 -11.66
CA THR G 63 0.11 -22.69 -12.69
C THR G 63 -0.51 -23.02 -14.04
N ALA G 64 -1.55 -23.84 -14.10
CA ALA G 64 -2.13 -24.13 -15.41
C ALA G 64 -2.81 -22.91 -15.99
N GLU G 65 -3.49 -22.13 -15.17
CA GLU G 65 -4.13 -20.92 -15.68
C GLU G 65 -3.08 -19.98 -16.25
N ILE G 66 -2.04 -19.71 -15.46
CA ILE G 66 -0.96 -18.83 -15.89
C ILE G 66 -0.34 -19.33 -17.18
N LEU G 67 0.01 -20.61 -17.23
CA LEU G 67 0.70 -21.12 -18.42
C LEU G 67 -0.20 -21.12 -19.64
N GLU G 68 -1.50 -21.38 -19.48
CA GLU G 68 -2.40 -21.25 -20.61
C GLU G 68 -2.34 -19.83 -21.16
N LEU G 69 -2.54 -18.85 -20.29
CA LEU G 69 -2.55 -17.47 -20.75
C LEU G 69 -1.21 -17.09 -21.37
N ALA G 70 -0.11 -17.48 -20.74
CA ALA G 70 1.21 -17.12 -21.26
C ALA G 70 1.48 -17.75 -22.62
N GLY G 71 1.09 -19.01 -22.78
CA GLY G 71 1.25 -19.62 -24.08
C GLY G 71 0.42 -18.93 -25.13
N ASN G 72 -0.79 -18.51 -24.76
CA ASN G 72 -1.58 -17.73 -25.70
C ASN G 72 -0.85 -16.48 -26.11
N ALA G 73 -0.35 -15.73 -25.13
CA ALA G 73 0.38 -14.52 -25.47
C ALA G 73 1.57 -14.81 -26.39
N ALA G 74 2.34 -15.86 -26.10
CA ALA G 74 3.51 -16.11 -26.94
C ALA G 74 3.14 -16.50 -28.37
N ARG G 75 2.16 -17.38 -28.52
CA ARG G 75 1.70 -17.74 -29.89
C ARG G 75 1.15 -16.50 -30.58
N ASP G 76 0.46 -15.64 -29.83
CA ASP G 76 -0.05 -14.38 -30.40
C ASP G 76 1.11 -13.56 -30.93
N ASN G 77 2.23 -13.59 -30.21
CA ASN G 77 3.46 -12.93 -30.60
C ASN G 77 4.33 -13.84 -31.47
N LYS G 78 3.76 -14.91 -32.01
CA LYS G 78 4.46 -15.82 -32.90
C LYS G 78 5.67 -16.42 -32.22
N LYS G 79 5.80 -16.45 -30.91
CA LYS G 79 6.91 -17.08 -30.20
C LYS G 79 6.44 -18.43 -29.71
N THR G 80 7.18 -19.45 -30.09
CA THR G 80 6.77 -20.82 -29.77
C THR G 80 7.12 -21.18 -28.35
N ARG G 81 7.83 -20.31 -27.65
CA ARG G 81 8.33 -20.59 -26.32
C ARG G 81 8.01 -19.38 -25.45
N ILE G 82 7.52 -19.62 -24.25
CA ILE G 82 7.11 -18.51 -23.39
C ILE G 82 8.34 -17.96 -22.70
N ILE G 83 8.39 -16.64 -22.55
CA ILE G 83 9.48 -15.96 -21.88
C ILE G 83 8.89 -14.95 -20.90
N PRO G 84 9.70 -14.33 -20.01
CA PRO G 84 9.09 -13.50 -18.98
C PRO G 84 8.17 -12.43 -19.50
N ARG G 85 8.46 -11.83 -20.65
CA ARG G 85 7.54 -10.82 -21.16
C ARG G 85 6.16 -11.43 -21.36
N HIS G 86 6.11 -12.67 -21.83
CA HIS G 86 4.84 -13.33 -22.02
C HIS G 86 4.12 -13.49 -20.70
N LEU G 87 4.85 -13.79 -19.64
CA LEU G 87 4.22 -13.87 -18.33
C LEU G 87 3.67 -12.52 -17.92
N GLN G 88 4.41 -11.45 -18.17
CA GLN G 88 3.91 -10.14 -17.79
C GLN G 88 2.67 -9.80 -18.59
N LEU G 89 2.64 -10.21 -19.84
CA LEU G 89 1.45 -9.98 -20.64
C LEU G 89 0.28 -10.79 -20.12
N ALA G 90 0.48 -12.08 -19.93
CA ALA G 90 -0.60 -12.90 -19.39
C ALA G 90 -1.15 -12.32 -18.10
N ILE G 91 -0.27 -11.97 -17.17
CA ILE G 91 -0.71 -11.46 -15.87
C ILE G 91 -1.47 -10.16 -16.03
N ARG G 92 -0.84 -9.17 -16.65
CA ARG G 92 -1.45 -7.86 -16.69
C ARG G 92 -2.68 -7.81 -17.59
N ASN G 93 -2.78 -8.71 -18.56
CA ASN G 93 -3.97 -8.74 -19.40
C ASN G 93 -5.12 -9.51 -18.76
N ASP G 94 -4.86 -10.29 -17.73
CA ASP G 94 -5.95 -10.93 -17.03
C ASP G 94 -6.33 -10.07 -15.83
N GLU G 95 -7.63 -9.85 -15.66
CA GLU G 95 -8.10 -8.99 -14.58
C GLU G 95 -7.90 -9.64 -13.22
N GLU G 96 -8.44 -10.85 -13.03
CA GLU G 96 -8.36 -11.46 -11.72
C GLU G 96 -6.93 -11.82 -11.33
N LEU G 97 -6.09 -12.23 -12.29
CA LEU G 97 -4.69 -12.45 -11.95
C LEU G 97 -4.00 -11.14 -11.62
N ASN G 98 -4.23 -10.12 -12.45
CA ASN G 98 -3.61 -8.82 -12.18
C ASN G 98 -4.07 -8.32 -10.85
N LYS G 99 -5.20 -8.84 -10.38
CA LYS G 99 -5.65 -8.51 -9.05
C LYS G 99 -4.86 -9.32 -8.03
N LEU G 100 -4.63 -10.60 -8.31
CA LEU G 100 -3.91 -11.42 -7.35
C LEU G 100 -2.44 -11.03 -7.25
N LEU G 101 -1.83 -10.71 -8.39
CA LEU G 101 -0.42 -10.38 -8.44
C LEU G 101 -0.23 -8.91 -8.71
N GLY G 102 -1.22 -8.12 -8.31
CA GLY G 102 -1.19 -6.71 -8.63
C GLY G 102 -0.06 -5.95 -7.99
N ARG G 103 0.31 -6.33 -6.79
CA ARG G 103 1.37 -5.62 -6.09
C ARG G 103 2.73 -6.20 -6.51
N VAL G 104 2.75 -7.13 -7.49
CA VAL G 104 3.93 -7.91 -7.89
C VAL G 104 4.66 -7.31 -9.07
N THR G 105 6.00 -7.33 -8.99
CA THR G 105 6.87 -6.92 -10.07
C THR G 105 7.54 -8.14 -10.67
N ILE G 106 7.36 -8.33 -11.98
CA ILE G 106 7.88 -9.46 -12.72
C ILE G 106 9.24 -9.14 -13.33
N ALA G 107 10.18 -10.06 -13.17
CA ALA G 107 11.50 -9.90 -13.74
C ALA G 107 11.43 -9.80 -15.26
N GLN G 108 12.13 -8.81 -15.84
CA GLN G 108 12.16 -8.61 -17.30
C GLN G 108 10.77 -8.55 -17.91
N GLY G 109 9.77 -8.19 -17.12
CA GLY G 109 8.42 -8.21 -17.65
C GLY G 109 8.05 -7.06 -18.55
N GLY G 110 8.56 -5.89 -18.24
CA GLY G 110 8.20 -4.72 -18.99
C GLY G 110 6.82 -4.27 -18.55
N VAL G 111 6.15 -3.53 -19.42
CA VAL G 111 4.82 -3.03 -19.12
C VAL G 111 3.91 -3.30 -20.31
N LEU G 112 2.61 -3.35 -20.03
CA LEU G 112 1.66 -3.44 -21.12
C LEU G 112 1.80 -2.22 -22.04
N PRO G 113 1.65 -2.41 -23.33
CA PRO G 113 1.53 -1.23 -24.19
C PRO G 113 0.27 -0.48 -23.80
N ASN G 114 0.44 0.72 -23.24
CA ASN G 114 -0.74 1.49 -22.74
C ASN G 114 -0.51 2.99 -22.92
N ILE G 115 -0.85 3.55 -24.08
CA ILE G 115 -0.75 5.00 -24.28
C ILE G 115 -2.10 5.62 -24.02
N GLN G 116 -2.17 6.54 -23.07
CA GLN G 116 -3.43 7.21 -22.78
C GLN G 116 -3.89 8.00 -24.00
N ALA G 117 -5.17 7.97 -24.32
CA ALA G 117 -5.70 8.46 -25.60
C ALA G 117 -5.33 9.90 -25.85
N VAL G 118 -5.45 10.76 -24.83
CA VAL G 118 -5.19 12.18 -24.99
C VAL G 118 -3.79 12.43 -25.55
N LEU G 119 -2.86 11.52 -25.31
CA LEU G 119 -1.50 11.71 -25.79
C LEU G 119 -1.37 11.49 -27.28
N LEU G 120 -2.28 10.76 -27.90
CA LEU G 120 -2.16 10.60 -29.33
C LEU G 120 -2.52 11.93 -29.99
N PRO G 121 -1.83 12.27 -31.10
CA PRO G 121 -2.06 13.50 -31.85
C PRO G 121 -3.38 13.40 -32.59
N LYS G 122 -3.97 14.55 -32.94
CA LYS G 122 -5.20 14.57 -33.72
C LYS G 122 -4.93 15.20 -35.08
N LYS H 34 30.99 -32.87 -5.94
CA LYS H 34 30.24 -32.89 -4.65
C LYS H 34 28.75 -32.81 -4.98
N ARG H 35 27.85 -33.12 -4.03
CA ARG H 35 26.40 -33.10 -4.26
C ARG H 35 25.79 -31.89 -3.55
N SER H 36 25.18 -30.97 -4.31
CA SER H 36 24.46 -29.81 -3.71
C SER H 36 23.02 -29.81 -4.23
N ARG H 37 22.03 -29.74 -3.34
CA ARG H 37 20.62 -29.85 -3.81
C ARG H 37 19.89 -28.54 -3.55
N LYS H 38 19.28 -27.96 -4.59
CA LYS H 38 18.45 -26.75 -4.41
C LYS H 38 17.00 -27.20 -4.60
N GLU H 39 16.01 -26.33 -4.36
CA GLU H 39 14.64 -26.80 -4.46
C GLU H 39 13.89 -26.06 -5.54
N SER H 40 13.14 -26.80 -6.34
CA SER H 40 12.36 -26.17 -7.37
C SER H 40 11.15 -27.02 -7.69
N TYR H 41 10.30 -26.47 -8.54
CA TYR H 41 9.11 -27.11 -9.05
C TYR H 41 9.20 -27.36 -10.54
N SER H 42 10.40 -27.24 -11.10
CA SER H 42 10.53 -27.08 -12.53
C SER H 42 9.88 -28.24 -13.27
N ILE H 43 10.24 -29.46 -12.90
CA ILE H 43 9.75 -30.61 -13.66
C ILE H 43 8.24 -30.66 -13.60
N TYR H 44 7.65 -30.36 -12.45
CA TYR H 44 6.20 -30.31 -12.32
C TYR H 44 5.64 -29.24 -13.23
N VAL H 45 6.30 -28.11 -13.34
CA VAL H 45 5.80 -27.07 -14.22
C VAL H 45 5.87 -27.56 -15.66
N TYR H 46 6.95 -28.24 -16.01
CA TYR H 46 7.09 -28.78 -17.35
C TYR H 46 6.01 -29.80 -17.65
N LYS H 47 5.68 -30.62 -16.66
CA LYS H 47 4.59 -31.58 -16.82
C LYS H 47 3.29 -30.87 -17.08
N VAL H 48 2.96 -29.88 -16.26
CA VAL H 48 1.72 -29.13 -16.45
C VAL H 48 1.70 -28.54 -17.85
N LEU H 49 2.81 -27.91 -18.23
CA LEU H 49 2.91 -27.28 -19.55
C LEU H 49 2.66 -28.28 -20.66
N LYS H 50 3.30 -29.45 -20.61
CA LYS H 50 3.07 -30.46 -21.64
C LYS H 50 1.63 -30.97 -21.59
N GLN H 51 0.95 -30.88 -20.44
CA GLN H 51 -0.47 -31.23 -20.40
C GLN H 51 -1.33 -30.18 -21.10
N VAL H 52 -0.95 -28.92 -21.04
CA VAL H 52 -1.77 -27.87 -21.62
C VAL H 52 -1.31 -27.40 -22.99
N HIS H 53 -0.01 -27.44 -23.26
CA HIS H 53 0.54 -26.93 -24.51
C HIS H 53 1.70 -27.82 -24.95
N PRO H 54 1.36 -28.99 -25.53
CA PRO H 54 2.33 -30.02 -25.93
C PRO H 54 3.41 -29.50 -26.87
N ASP H 55 3.07 -28.50 -27.67
CA ASP H 55 3.92 -27.92 -28.70
C ASP H 55 4.62 -26.63 -28.26
N THR H 56 4.79 -26.40 -26.96
CA THR H 56 5.35 -25.15 -26.49
C THR H 56 6.50 -25.43 -25.53
N GLY H 57 7.51 -24.55 -25.55
CA GLY H 57 8.65 -24.66 -24.67
C GLY H 57 8.60 -23.71 -23.49
N ILE H 58 9.58 -23.75 -22.59
CA ILE H 58 9.63 -22.77 -21.46
C ILE H 58 11.10 -22.45 -21.17
N SER H 59 11.48 -21.19 -21.33
CA SER H 59 12.87 -20.75 -21.05
C SER H 59 13.16 -20.93 -19.57
N SER H 60 14.38 -21.32 -19.18
CA SER H 60 14.87 -21.42 -17.79
C SER H 60 14.72 -20.09 -17.07
N LYS H 61 14.71 -18.94 -17.77
CA LYS H 61 14.36 -17.74 -17.04
C LYS H 61 12.92 -17.80 -16.58
N ALA H 62 12.03 -18.20 -17.46
CA ALA H 62 10.63 -18.33 -17.12
C ALA H 62 10.44 -19.46 -16.10
N MET H 63 11.28 -20.48 -16.08
CA MET H 63 11.04 -21.56 -15.14
C MET H 63 11.53 -21.16 -13.76
N GLY H 64 12.43 -20.19 -13.72
CA GLY H 64 12.79 -19.64 -12.43
C GLY H 64 11.69 -18.71 -11.95
N ILE H 65 11.05 -17.91 -12.83
CA ILE H 65 9.88 -17.16 -12.38
C ILE H 65 8.75 -18.09 -12.01
N MET H 66 8.44 -19.17 -12.74
CA MET H 66 7.33 -20.00 -12.30
C MET H 66 7.64 -20.60 -10.96
N ASN H 67 8.89 -20.99 -10.73
CA ASN H 67 9.25 -21.55 -9.45
C ASN H 67 9.02 -20.52 -8.36
N SER H 68 9.45 -19.28 -8.60
CA SER H 68 9.20 -18.25 -7.60
C SER H 68 7.71 -17.99 -7.44
N PHE H 69 6.95 -18.06 -8.55
CA PHE H 69 5.49 -17.89 -8.60
C PHE H 69 4.84 -18.84 -7.64
N VAL H 70 5.12 -20.10 -7.87
CA VAL H 70 4.51 -21.16 -7.07
C VAL H 70 4.90 -20.99 -5.61
N ASN H 71 6.18 -20.70 -5.34
CA ASN H 71 6.55 -20.58 -3.94
C ASN H 71 5.84 -19.40 -3.28
N ASP H 72 5.69 -18.27 -3.96
CA ASP H 72 4.99 -17.14 -3.36
C ASP H 72 3.52 -17.43 -3.11
N ILE H 73 2.81 -18.03 -4.08
CA ILE H 73 1.40 -18.37 -3.86
C ILE H 73 1.31 -19.36 -2.73
N PHE H 74 2.20 -20.34 -2.70
CA PHE H 74 2.24 -21.30 -1.62
C PHE H 74 2.44 -20.59 -0.29
N GLU H 75 3.36 -19.64 -0.21
CA GLU H 75 3.61 -18.98 1.05
C GLU H 75 2.41 -18.19 1.53
N ARG H 76 1.72 -17.52 0.61
CA ARG H 76 0.51 -16.81 1.00
C ARG H 76 -0.55 -17.78 1.51
N ILE H 77 -0.85 -18.80 0.72
CA ILE H 77 -1.93 -19.71 1.11
C ILE H 77 -1.59 -20.41 2.42
N ALA H 78 -0.37 -20.92 2.55
CA ALA H 78 -0.02 -21.66 3.74
C ALA H 78 0.00 -20.74 4.96
N GLY H 79 0.47 -19.51 4.78
CA GLY H 79 0.45 -18.58 5.88
C GLY H 79 -0.97 -18.26 6.31
N GLU H 80 -1.84 -18.00 5.36
CA GLU H 80 -3.23 -17.73 5.71
C GLU H 80 -3.90 -18.92 6.36
N ALA H 81 -3.61 -20.13 5.89
CA ALA H 81 -4.27 -21.28 6.50
C ALA H 81 -3.79 -21.50 7.92
N SER H 82 -2.48 -21.46 8.13
CA SER H 82 -1.93 -21.56 9.47
C SER H 82 -2.47 -20.45 10.36
N ARG H 83 -2.37 -19.21 9.90
CA ARG H 83 -2.82 -18.03 10.64
C ARG H 83 -4.28 -18.16 11.00
N LEU H 84 -5.10 -18.65 10.08
CA LEU H 84 -6.53 -18.82 10.30
C LEU H 84 -6.81 -19.91 11.34
N ALA H 85 -6.10 -21.02 11.32
CA ALA H 85 -6.33 -22.05 12.33
C ALA H 85 -6.05 -21.52 13.73
N HIS H 86 -4.96 -20.79 13.94
CA HIS H 86 -4.76 -20.27 15.28
C HIS H 86 -5.81 -19.25 15.63
N TYR H 87 -6.18 -18.37 14.69
CA TYR H 87 -7.25 -17.39 14.92
C TYR H 87 -8.60 -18.03 15.13
N ASN H 88 -8.74 -19.33 14.86
CA ASN H 88 -9.94 -20.06 15.19
C ASN H 88 -9.67 -21.01 16.35
N LYS H 89 -8.53 -20.85 17.04
CA LYS H 89 -8.18 -21.72 18.16
C LYS H 89 -8.13 -23.17 17.71
N ARG H 90 -7.76 -23.40 16.45
CA ARG H 90 -7.60 -24.72 15.87
C ARG H 90 -6.12 -25.02 15.72
N SER H 91 -5.66 -26.16 16.23
CA SER H 91 -4.23 -26.49 16.17
C SER H 91 -3.81 -27.23 14.90
N THR H 92 -4.70 -27.47 13.94
CA THR H 92 -4.40 -28.29 12.77
C THR H 92 -4.86 -27.62 11.49
N ILE H 93 -4.05 -27.77 10.44
CA ILE H 93 -4.35 -27.35 9.09
C ILE H 93 -5.05 -28.52 8.39
N THR H 94 -6.29 -28.37 7.94
CA THR H 94 -7.03 -29.42 7.28
C THR H 94 -7.57 -28.91 5.94
N SER H 95 -8.25 -29.80 5.24
CA SER H 95 -8.89 -29.41 4.00
C SER H 95 -9.78 -28.21 4.20
N ARG H 96 -10.41 -28.08 5.37
CA ARG H 96 -11.25 -26.92 5.61
C ARG H 96 -10.40 -25.66 5.60
N GLU H 97 -9.29 -25.70 6.32
CA GLU H 97 -8.43 -24.54 6.47
C GLU H 97 -7.91 -24.14 5.09
N ILE H 98 -7.55 -25.12 4.25
CA ILE H 98 -7.09 -24.83 2.90
C ILE H 98 -8.22 -24.27 2.06
N GLN H 99 -9.41 -24.85 2.18
CA GLN H 99 -10.54 -24.41 1.39
C GLN H 99 -10.85 -22.95 1.69
N THR H 100 -10.87 -22.55 2.95
CA THR H 100 -11.20 -21.15 3.19
C THR H 100 -10.03 -20.26 2.84
N ALA H 101 -8.77 -20.66 2.97
CA ALA H 101 -7.70 -19.78 2.50
C ALA H 101 -7.73 -19.60 1.00
N VAL H 102 -8.04 -20.67 0.26
CA VAL H 102 -8.13 -20.55 -1.19
C VAL H 102 -9.28 -19.64 -1.56
N ARG H 103 -10.45 -19.92 -0.99
CA ARG H 103 -11.62 -19.10 -1.21
C ARG H 103 -11.36 -17.65 -0.85
N LEU H 104 -10.54 -17.40 0.16
CA LEU H 104 -10.24 -16.08 0.66
C LEU H 104 -9.23 -15.33 -0.22
N LEU H 105 -8.15 -15.98 -0.68
CA LEU H 105 -7.13 -15.31 -1.48
C LEU H 105 -7.57 -15.07 -2.92
N LEU H 106 -7.97 -16.11 -3.62
CA LEU H 106 -8.31 -15.96 -5.02
C LEU H 106 -9.63 -15.22 -5.18
N PRO H 107 -9.68 -14.30 -6.12
CA PRO H 107 -10.90 -13.52 -6.34
C PRO H 107 -11.85 -14.10 -7.38
N GLY H 108 -13.10 -14.30 -6.96
CA GLY H 108 -14.15 -14.71 -7.88
C GLY H 108 -13.90 -15.96 -8.71
N GLU H 109 -14.07 -15.81 -10.02
CA GLU H 109 -14.14 -16.94 -10.92
C GLU H 109 -12.91 -17.84 -10.80
N LEU H 110 -11.77 -17.26 -10.44
CA LEU H 110 -10.60 -18.08 -10.16
C LEU H 110 -10.82 -18.96 -8.95
N ALA H 111 -11.29 -18.37 -7.85
CA ALA H 111 -11.55 -19.16 -6.67
C ALA H 111 -12.57 -20.26 -6.91
N LYS H 112 -13.67 -19.91 -7.59
CA LYS H 112 -14.69 -20.94 -7.83
C LYS H 112 -14.12 -22.13 -8.59
N HIS H 113 -13.28 -21.88 -9.59
CA HIS H 113 -12.75 -23.07 -10.29
C HIS H 113 -11.65 -23.77 -9.50
N ALA H 114 -10.81 -23.03 -8.81
CA ALA H 114 -9.75 -23.68 -8.05
C ALA H 114 -10.34 -24.57 -6.97
N VAL H 115 -11.29 -24.01 -6.22
CA VAL H 115 -12.03 -24.77 -5.23
C VAL H 115 -12.66 -26.00 -5.86
N SER H 116 -13.29 -25.84 -7.02
CA SER H 116 -13.95 -26.99 -7.61
C SER H 116 -12.97 -28.11 -7.93
N GLU H 117 -11.88 -27.81 -8.64
CA GLU H 117 -10.96 -28.90 -8.96
C GLU H 117 -10.32 -29.47 -7.70
N GLY H 118 -10.06 -28.63 -6.70
CA GLY H 118 -9.44 -29.15 -5.50
C GLY H 118 -10.35 -30.10 -4.77
N THR H 119 -11.64 -29.76 -4.68
CA THR H 119 -12.57 -30.67 -4.05
C THR H 119 -12.63 -31.97 -4.82
N LYS H 120 -12.67 -31.88 -6.14
CA LYS H 120 -12.67 -33.10 -6.95
C LYS H 120 -11.46 -33.96 -6.63
N ALA H 121 -10.29 -33.33 -6.51
CA ALA H 121 -9.07 -34.09 -6.29
C ALA H 121 -9.05 -34.71 -4.91
N VAL H 122 -9.46 -33.96 -3.89
CA VAL H 122 -9.43 -34.55 -2.55
C VAL H 122 -10.40 -35.70 -2.49
N THR H 123 -11.56 -35.57 -3.14
CA THR H 123 -12.50 -36.68 -3.13
C THR H 123 -11.85 -37.91 -3.74
N LYS H 124 -11.22 -37.73 -4.90
CA LYS H 124 -10.56 -38.86 -5.53
C LYS H 124 -9.51 -39.46 -4.61
N TYR H 125 -8.75 -38.61 -3.92
CA TYR H 125 -7.72 -39.14 -3.03
C TYR H 125 -8.34 -39.89 -1.87
N THR H 126 -9.42 -39.34 -1.30
CA THR H 126 -10.08 -40.04 -0.20
C THR H 126 -10.62 -41.37 -0.65
N SER H 127 -11.19 -41.42 -1.85
CA SER H 127 -11.72 -42.68 -2.38
C SER H 127 -10.60 -43.70 -2.54
N ALA H 128 -9.44 -43.27 -3.01
CA ALA H 128 -8.31 -44.16 -3.20
C ALA H 128 -7.80 -44.68 -1.86
N PRO K 38 -2.20 60.83 -16.15
CA PRO K 38 -3.09 61.05 -17.29
C PRO K 38 -4.39 60.27 -17.20
N PRO K 39 -5.51 60.93 -17.50
CA PRO K 39 -6.80 60.25 -17.48
C PRO K 39 -6.91 59.18 -18.56
N VAL K 40 -7.59 58.09 -18.21
CA VAL K 40 -7.76 56.96 -19.13
C VAL K 40 -8.71 57.34 -20.25
N SER K 41 -8.66 56.56 -21.33
CA SER K 41 -9.41 56.67 -22.58
C SER K 41 -8.68 57.53 -23.59
N GLU K 42 -7.57 58.17 -23.19
CA GLU K 42 -6.73 58.92 -24.11
C GLU K 42 -5.45 58.15 -24.44
N LEU K 43 -5.02 57.25 -23.57
CA LEU K 43 -3.85 56.41 -23.81
C LEU K 43 -4.23 55.11 -24.49
N ILE K 44 -5.48 54.68 -24.36
CA ILE K 44 -5.96 53.49 -25.03
C ILE K 44 -6.06 53.72 -26.52
N THR K 45 -6.54 54.89 -26.93
CA THR K 45 -6.54 55.25 -28.34
C THR K 45 -5.13 55.21 -28.90
N LYS K 46 -4.19 55.88 -28.22
CA LYS K 46 -2.80 55.88 -28.67
C LYS K 46 -2.20 54.48 -28.70
N ALA K 47 -2.66 53.59 -27.82
CA ALA K 47 -2.18 52.22 -27.80
C ALA K 47 -2.71 51.38 -28.96
N VAL K 48 -4.01 51.43 -29.20
CA VAL K 48 -4.59 50.72 -30.33
C VAL K 48 -4.12 51.30 -31.67
N ALA K 49 -3.81 52.59 -31.72
CA ALA K 49 -3.23 53.19 -32.91
C ALA K 49 -1.86 52.62 -33.24
N ALA K 50 -1.24 51.88 -32.32
CA ALA K 50 0.13 51.39 -32.49
C ALA K 50 0.26 50.25 -33.48
N SER K 51 -0.83 49.65 -33.96
CA SER K 51 -0.67 48.48 -34.81
C SER K 51 -1.82 48.37 -35.81
N LYS K 52 -1.51 47.75 -36.94
CA LYS K 52 -2.49 47.16 -37.86
C LYS K 52 -2.36 45.65 -37.85
N GLU K 53 -3.43 44.97 -37.45
CA GLU K 53 -3.48 43.51 -37.48
C GLU K 53 -4.81 43.05 -38.06
N ARG K 54 -4.75 42.03 -38.91
CA ARG K 54 -5.92 41.61 -39.69
C ARG K 54 -7.08 41.19 -38.82
N SER K 55 -6.80 40.72 -37.60
CA SER K 55 -7.83 40.41 -36.62
C SER K 55 -7.68 41.24 -35.36
N GLY K 56 -7.10 42.42 -35.49
CA GLY K 56 -7.07 43.40 -34.42
C GLY K 56 -5.99 43.19 -33.38
N VAL K 57 -5.71 44.27 -32.66
CA VAL K 57 -4.77 44.27 -31.54
C VAL K 57 -5.37 43.51 -30.36
N SER K 58 -4.57 42.67 -29.74
CA SER K 58 -5.05 41.93 -28.59
C SER K 58 -5.09 42.82 -27.36
N LEU K 59 -5.94 42.41 -26.40
CA LEU K 59 -6.03 42.99 -25.05
C LEU K 59 -4.69 42.92 -24.31
N ALA K 60 -3.91 41.87 -24.50
CA ALA K 60 -2.59 41.74 -23.87
C ALA K 60 -1.65 42.83 -24.34
N ALA K 61 -1.76 43.18 -25.61
CA ALA K 61 -1.02 44.33 -26.13
C ALA K 61 -1.46 45.63 -25.48
N LEU K 62 -2.76 45.84 -25.29
CA LEU K 62 -3.15 47.09 -24.65
C LEU K 62 -2.61 47.21 -23.24
N LYS K 63 -2.63 46.10 -22.49
CA LYS K 63 -2.02 45.99 -21.15
C LYS K 63 -0.54 46.34 -21.19
N LYS K 64 0.22 45.70 -22.08
CA LYS K 64 1.66 45.96 -22.20
C LYS K 64 1.97 47.38 -22.66
N ALA K 65 1.23 47.89 -23.64
CA ALA K 65 1.44 49.25 -24.12
C ALA K 65 1.17 50.30 -23.05
N LEU K 66 0.07 50.14 -22.32
CA LEU K 66 -0.25 51.10 -21.27
C LEU K 66 0.69 50.99 -20.08
N ALA K 67 1.17 49.79 -19.76
CA ALA K 67 2.26 49.65 -18.80
C ALA K 67 3.51 50.38 -19.29
N ALA K 68 3.78 50.29 -20.60
CA ALA K 68 4.90 51.02 -21.19
C ALA K 68 4.68 52.53 -21.17
N ALA K 69 3.41 52.97 -21.24
CA ALA K 69 3.13 54.36 -20.95
C ALA K 69 3.29 54.71 -19.47
N GLY K 70 3.58 53.74 -18.61
CA GLY K 70 3.79 54.01 -17.20
C GLY K 70 2.56 54.01 -16.32
N TYR K 71 1.43 53.56 -16.84
CA TYR K 71 0.16 53.62 -16.12
C TYR K 71 -0.01 52.44 -15.16
N ASP K 72 -0.76 52.70 -14.08
CA ASP K 72 -1.12 51.73 -13.06
C ASP K 72 -2.24 50.81 -13.57
N VAL K 73 -1.87 49.99 -14.55
CA VAL K 73 -2.76 48.94 -15.05
C VAL K 73 -3.05 47.90 -13.97
N GLU K 74 -2.22 47.83 -12.94
CA GLU K 74 -2.49 46.94 -11.83
C GLU K 74 -3.78 47.29 -11.12
N LYS K 75 -3.88 48.53 -10.63
CA LYS K 75 -5.02 48.90 -9.80
C LYS K 75 -6.23 49.40 -10.57
N ASN K 76 -6.06 49.99 -11.74
CA ASN K 76 -7.17 50.59 -12.49
C ASN K 76 -7.76 49.67 -13.55
N ASN K 77 -7.55 48.37 -13.42
CA ASN K 77 -7.93 47.40 -14.45
C ASN K 77 -9.41 47.52 -14.87
N SER K 78 -10.32 47.62 -13.91
CA SER K 78 -11.74 47.75 -14.25
C SER K 78 -12.07 49.08 -14.91
N ARG K 79 -11.45 50.16 -14.45
CA ARG K 79 -11.56 51.43 -15.17
C ARG K 79 -11.11 51.29 -16.61
N ILE K 80 -10.00 50.58 -16.83
CA ILE K 80 -9.50 50.32 -18.17
C ILE K 80 -10.52 49.54 -19.00
N LYS K 81 -11.11 48.48 -18.43
CA LYS K 81 -12.12 47.67 -19.14
C LYS K 81 -13.33 48.51 -19.53
N LEU K 82 -13.82 49.37 -18.63
CA LEU K 82 -14.94 50.24 -19.00
C LEU K 82 -14.56 51.27 -20.05
N GLY K 83 -13.38 51.88 -19.92
CA GLY K 83 -12.93 52.82 -20.94
C GLY K 83 -12.86 52.19 -22.32
N LEU K 84 -12.24 51.02 -22.40
CA LEU K 84 -12.18 50.29 -23.66
C LEU K 84 -13.56 49.91 -24.20
N LYS K 85 -14.40 49.28 -23.37
CA LYS K 85 -15.70 48.82 -23.84
C LYS K 85 -16.58 49.98 -24.29
N SER K 86 -16.62 51.06 -23.51
CA SER K 86 -17.34 52.25 -23.93
C SER K 86 -16.79 52.83 -25.23
N LEU K 87 -15.46 52.92 -25.35
CA LEU K 87 -14.87 53.52 -26.54
C LEU K 87 -15.06 52.68 -27.80
N VAL K 88 -15.09 51.34 -27.68
CA VAL K 88 -15.53 50.53 -28.81
C VAL K 88 -17.03 50.66 -29.02
N SER K 89 -17.79 50.84 -27.94
CA SER K 89 -19.22 51.04 -28.07
C SER K 89 -19.56 52.35 -28.78
N LYS K 90 -18.68 53.35 -28.66
CA LYS K 90 -18.82 54.55 -29.46
C LYS K 90 -18.57 54.29 -30.94
N GLY K 91 -17.91 53.17 -31.26
CA GLY K 91 -17.43 52.93 -32.60
C GLY K 91 -16.15 53.66 -32.93
N THR K 92 -15.63 54.49 -32.01
CA THR K 92 -14.34 55.12 -32.23
C THR K 92 -13.26 54.06 -32.34
N LEU K 93 -13.35 53.03 -31.51
CA LEU K 93 -12.71 51.75 -31.74
C LEU K 93 -13.76 50.70 -32.07
N VAL K 94 -13.27 49.51 -32.44
CA VAL K 94 -14.11 48.37 -32.75
C VAL K 94 -13.52 47.16 -32.04
N GLN K 95 -14.38 46.27 -31.55
CA GLN K 95 -13.98 44.95 -31.10
C GLN K 95 -14.27 43.93 -32.19
N THR K 96 -13.27 43.10 -32.50
CA THR K 96 -13.27 42.28 -33.71
C THR K 96 -13.07 40.80 -33.45
N LYS K 97 -12.55 40.40 -32.30
CA LYS K 97 -12.68 39.03 -31.82
C LYS K 97 -12.83 39.04 -30.31
N GLY K 98 -13.36 37.93 -29.78
CA GLY K 98 -13.78 37.84 -28.40
C GLY K 98 -15.09 38.57 -28.17
N THR K 99 -15.22 39.14 -26.97
CA THR K 99 -16.38 39.91 -26.55
C THR K 99 -15.96 40.75 -25.36
N GLY K 100 -16.46 41.97 -25.29
CA GLY K 100 -16.08 42.84 -24.19
C GLY K 100 -14.62 43.21 -24.31
N ALA K 101 -13.91 43.14 -23.17
CA ALA K 101 -12.47 43.29 -23.19
C ALA K 101 -11.75 42.05 -23.69
N SER K 102 -12.43 40.91 -23.72
CA SER K 102 -11.87 39.70 -24.28
C SER K 102 -11.69 39.78 -25.79
N GLY K 103 -10.54 39.28 -26.26
CA GLY K 103 -10.26 39.23 -27.68
C GLY K 103 -9.51 40.44 -28.19
N SER K 104 -10.03 41.05 -29.26
CA SER K 104 -9.18 41.93 -30.06
C SER K 104 -9.98 43.05 -30.70
N PHE K 105 -9.25 44.10 -31.07
CA PHE K 105 -9.83 45.42 -31.26
C PHE K 105 -9.18 46.12 -32.45
N LYS K 106 -9.90 47.08 -33.02
CA LYS K 106 -9.39 47.86 -34.14
C LYS K 106 -9.80 49.31 -33.99
N LEU K 107 -9.12 50.17 -34.76
CA LEU K 107 -9.60 51.53 -34.96
C LEU K 107 -10.88 51.54 -35.79
N ASN K 108 -11.54 52.70 -35.77
CA ASN K 108 -12.59 53.04 -36.72
C ASN K 108 -12.09 52.89 -38.16
#